data_1BLF
#
_entry.id   1BLF
#
_cell.length_a   138.860
_cell.length_b   87.010
_cell.length_c   73.350
_cell.angle_alpha   90.00
_cell.angle_beta   90.00
_cell.angle_gamma   90.00
#
_symmetry.space_group_name_H-M   'P 21 21 21'
#
loop_
_entity.id
_entity.type
_entity.pdbx_description
1 polymer LACTOFERRIN
2 branched beta-D-mannopyranose-(1-4)-2-acetamido-2-deoxy-beta-D-glucopyranose-(1-4)-2-acetamido-2-deoxy-beta-D-glucopyranose
3 branched alpha-D-mannopyranose-(1-3)-[alpha-D-mannopyranose-(1-6)]alpha-D-mannopyranose-(1-6)-beta-D-mannopyranose-(1-4)-2-acetamido-2-deoxy-beta-D-glucopyranose-(1-4)-2-acetamido-2-deoxy-beta-D-glucopyranose
4 non-polymer 2-acetamido-2-deoxy-beta-D-glucopyranose
5 non-polymer 'FE (III) ION'
6 non-polymer 'CARBONATE ION'
7 water water
#
_entity_poly.entity_id   1
_entity_poly.type   'polypeptide(L)'
_entity_poly.pdbx_seq_one_letter_code
;APRKNVRWCTISQPEWFKCRRWQWRMKKLGAPSITCVRRAFALECIRAIAEKKADAVTLDGGMVFEAGRDPYKLRPVAAE
IYGTKESPQTHYYAVAVVKKGSNFQLDQLQGRKSCHTGLGRSAGWIIPMGILRPYLSWTESLEPLQGAVAKFFSASCVPC
IDRQAYPNLCQLCKGEGENQCACSSREPYFGYSGAFKCLQDGAGDVAFVKETTVFENLPEKADRDQYELLCLNNSRAPVD
AFKECHLAQVPSHAVVARSVDGKEDLIWKLLSKAQEKFGKNKSRSFQLFGSPPGQRDLLFKDSALGFLRIPSKVDSALYL
GSRYLTTLKNLRETAEEVKARYTRVVWCAVGPEEQKKCQQWSQQSGQNVTCATASTTDDCIVLVLKGEADALNLDGGYIY
TAGKCGLVPVLAENRKSSKHSSLDCVLRPTEGYLAVAVVKKANEGLTWNSLKDKKSCHTAVDRTAGWNIPMGLIVNQTGS
CAFDEFFSQSCAPGADPKSRLCALCAGDDQGLDKCVPNSKEKYYGYTGAFRCLAEDVGDVAFVKNDTVWENTNGESTADW
AKNLNREDFRLLCLDGTRKPVTEAQSCHLAVAPNHAVVSRSDRAAHVKQVLLHQQALFGKNGKNCPDKFCLFKSETKNLL
FNDNTECLAKLGGRPTYEEYLGTEYVTAIANLKKCSTSPLLEACAFLTR
;
_entity_poly.pdbx_strand_id   A
#
loop_
_chem_comp.id
_chem_comp.type
_chem_comp.name
_chem_comp.formula
BMA D-saccharide, beta linking beta-D-mannopyranose 'C6 H12 O6'
CO3 non-polymer 'CARBONATE ION' 'C O3 -2'
FE non-polymer 'FE (III) ION' 'Fe 3'
MAN D-saccharide, alpha linking alpha-D-mannopyranose 'C6 H12 O6'
NAG D-saccharide, beta linking 2-acetamido-2-deoxy-beta-D-glucopyranose 'C8 H15 N O6'
#
# COMPACT_ATOMS: atom_id res chain seq x y z
N ASN A 5 -2.33 -30.84 7.01
CA ASN A 5 -1.10 -31.01 6.21
C ASN A 5 -0.56 -29.81 5.41
N VAL A 6 0.65 -29.36 5.74
CA VAL A 6 1.27 -28.23 5.02
C VAL A 6 2.46 -28.74 4.25
N ARG A 7 2.49 -28.43 2.95
CA ARG A 7 3.60 -28.83 2.13
C ARG A 7 4.61 -27.70 2.12
N TRP A 8 5.77 -27.95 2.71
CA TRP A 8 6.80 -26.93 2.74
C TRP A 8 7.75 -27.16 1.58
N CYS A 9 8.14 -26.08 0.92
CA CYS A 9 9.06 -26.18 -0.19
C CYS A 9 10.51 -25.90 0.26
N THR A 10 11.40 -26.83 -0.07
CA THR A 10 12.84 -26.76 0.28
C THR A 10 13.63 -26.68 -1.02
N ILE A 11 14.68 -25.89 -1.03
CA ILE A 11 15.43 -25.76 -2.26
C ILE A 11 16.78 -26.47 -2.27
N SER A 12 17.01 -27.37 -1.32
CA SER A 12 18.27 -28.09 -1.27
C SER A 12 18.15 -29.30 -0.38
N GLN A 13 19.08 -30.24 -0.56
CA GLN A 13 19.21 -31.45 0.23
C GLN A 13 19.50 -31.14 1.70
N PRO A 14 20.33 -30.09 2.00
CA PRO A 14 20.49 -29.81 3.42
C PRO A 14 19.25 -29.18 3.99
N GLU A 15 18.53 -28.42 3.16
CA GLU A 15 17.27 -27.84 3.57
C GLU A 15 16.16 -28.90 3.64
N TRP A 16 16.25 -29.92 2.79
CA TRP A 16 15.30 -31.03 2.79
C TRP A 16 15.45 -31.92 3.99
N PHE A 17 16.72 -32.11 4.37
CA PHE A 17 17.10 -32.91 5.52
C PHE A 17 16.62 -32.29 6.87
N LYS A 18 16.57 -30.95 6.93
CA LYS A 18 16.07 -30.22 8.11
C LYS A 18 14.55 -30.27 8.23
N CYS A 19 13.91 -30.22 7.06
CA CYS A 19 12.47 -30.25 6.96
C CYS A 19 11.89 -31.55 7.43
N ARG A 20 12.58 -32.61 6.99
CA ARG A 20 12.29 -33.98 7.32
C ARG A 20 12.54 -34.24 8.79
N ARG A 21 13.57 -33.56 9.30
CA ARG A 21 13.96 -33.55 10.70
C ARG A 21 12.93 -32.80 11.56
N TRP A 22 12.32 -31.78 10.94
CA TRP A 22 11.26 -30.97 11.55
C TRP A 22 9.91 -31.67 11.47
N GLN A 23 9.70 -32.40 10.37
CA GLN A 23 8.49 -33.17 10.11
C GLN A 23 8.22 -34.25 11.16
N TRP A 24 9.27 -35.03 11.49
CA TRP A 24 9.20 -36.07 12.51
C TRP A 24 9.04 -35.53 13.89
N ARG A 25 9.73 -34.39 14.11
CA ARG A 25 9.77 -33.64 15.38
C ARG A 25 8.42 -32.98 15.73
N MET A 26 7.61 -32.76 14.69
CA MET A 26 6.31 -32.15 14.86
C MET A 26 5.25 -33.08 15.44
N LYS A 27 5.06 -34.22 14.76
CA LYS A 27 4.11 -35.35 14.98
C LYS A 27 3.48 -35.51 16.37
N LYS A 28 4.34 -35.51 17.39
CA LYS A 28 3.94 -35.63 18.77
C LYS A 28 3.26 -34.40 19.38
N LEU A 29 3.35 -33.26 18.70
CA LEU A 29 2.73 -32.05 19.19
C LEU A 29 1.32 -31.88 18.66
N GLY A 30 0.93 -32.77 17.74
CA GLY A 30 -0.42 -32.78 17.18
C GLY A 30 -0.95 -31.67 16.31
N ALA A 31 -0.80 -31.86 14.99
CA ALA A 31 -1.27 -30.93 13.95
C ALA A 31 -0.66 -29.52 13.88
N PRO A 32 -0.40 -29.04 12.65
CA PRO A 32 -0.65 -29.83 11.43
C PRO A 32 0.55 -30.66 10.98
N SER A 33 0.36 -31.49 9.98
CA SER A 33 1.46 -32.29 9.50
C SER A 33 2.23 -31.49 8.45
N ILE A 34 3.52 -31.78 8.34
CA ILE A 34 4.31 -31.06 7.39
C ILE A 34 4.92 -32.02 6.39
N THR A 35 4.86 -31.66 5.12
CA THR A 35 5.40 -32.44 4.02
C THR A 35 6.59 -31.65 3.50
N CYS A 36 7.60 -32.34 2.97
CA CYS A 36 8.78 -31.65 2.49
C CYS A 36 8.95 -31.84 1.01
N VAL A 37 8.53 -30.84 0.24
CA VAL A 37 8.63 -30.86 -1.20
C VAL A 37 10.04 -30.43 -1.60
N ARG A 38 10.66 -31.16 -2.52
CA ARG A 38 12.00 -30.82 -2.93
C ARG A 38 12.03 -30.11 -4.27
N ARG A 39 12.70 -28.96 -4.30
CA ARG A 39 12.88 -28.16 -5.52
C ARG A 39 14.33 -27.69 -5.53
N ALA A 40 14.73 -26.97 -6.57
CA ALA A 40 16.11 -26.56 -6.73
C ALA A 40 16.39 -25.13 -6.42
N PHE A 41 15.45 -24.24 -6.73
CA PHE A 41 15.67 -22.83 -6.43
C PHE A 41 14.37 -22.18 -6.03
N ALA A 42 14.46 -20.90 -5.64
CA ALA A 42 13.34 -20.12 -5.12
C ALA A 42 12.14 -19.97 -6.05
N LEU A 43 12.40 -19.72 -7.34
CA LEU A 43 11.33 -19.56 -8.32
C LEU A 43 10.55 -20.84 -8.62
N GLU A 44 11.26 -21.96 -8.46
CA GLU A 44 10.65 -23.27 -8.62
C GLU A 44 9.63 -23.57 -7.51
N CYS A 45 9.93 -23.04 -6.33
CA CYS A 45 9.05 -23.14 -5.17
C CYS A 45 7.85 -22.24 -5.30
N ILE A 46 8.12 -21.09 -5.91
CA ILE A 46 7.13 -20.08 -6.21
C ILE A 46 6.12 -20.61 -7.19
N ARG A 47 6.66 -21.29 -8.20
CA ARG A 47 5.86 -21.95 -9.19
C ARG A 47 5.14 -23.18 -8.63
N ALA A 48 5.79 -23.86 -7.66
CA ALA A 48 5.21 -25.05 -7.00
C ALA A 48 4.05 -24.74 -6.12
N ILE A 49 4.16 -23.61 -5.42
CA ILE A 49 3.10 -23.13 -4.54
C ILE A 49 1.89 -22.63 -5.32
N ALA A 50 2.20 -21.89 -6.40
CA ALA A 50 1.22 -21.35 -7.35
C ALA A 50 0.44 -22.45 -8.08
N GLU A 51 1.15 -23.53 -8.39
CA GLU A 51 0.53 -24.66 -9.02
C GLU A 51 -0.10 -25.63 -8.08
N LYS A 52 -0.15 -25.29 -6.78
CA LYS A 52 -0.73 -26.10 -5.71
C LYS A 52 0.03 -27.41 -5.48
N LYS A 53 1.32 -27.42 -5.77
CA LYS A 53 2.17 -28.58 -5.56
C LYS A 53 2.89 -28.50 -4.22
N ALA A 54 2.86 -27.28 -3.69
CA ALA A 54 3.44 -26.94 -2.40
C ALA A 54 2.56 -25.84 -1.79
N ASP A 55 2.76 -25.57 -0.50
CA ASP A 55 1.98 -24.55 0.20
C ASP A 55 2.82 -23.40 0.77
N ALA A 56 4.04 -23.66 1.28
CA ALA A 56 4.85 -22.58 1.89
C ALA A 56 6.32 -22.62 1.55
N VAL A 57 6.95 -21.45 1.72
CA VAL A 57 8.38 -21.21 1.50
C VAL A 57 8.68 -19.83 2.04
N THR A 58 9.92 -19.59 2.43
CA THR A 58 10.30 -18.31 3.00
C THR A 58 11.15 -17.58 2.02
N LEU A 59 10.81 -16.36 1.66
CA LEU A 59 11.63 -15.68 0.69
C LEU A 59 12.20 -14.41 1.22
N ASP A 60 13.20 -13.93 0.50
CA ASP A 60 13.90 -12.66 0.74
C ASP A 60 13.01 -11.71 -0.08
N GLY A 61 13.00 -10.42 0.30
CA GLY A 61 12.21 -9.35 -0.34
C GLY A 61 12.13 -9.23 -1.85
N GLY A 62 13.23 -9.59 -2.52
CA GLY A 62 13.30 -9.57 -3.97
C GLY A 62 12.45 -10.70 -4.51
N MET A 63 12.41 -11.82 -3.80
CA MET A 63 11.61 -12.96 -4.19
C MET A 63 10.18 -12.80 -3.81
N VAL A 64 9.96 -12.01 -2.76
CA VAL A 64 8.63 -11.70 -2.27
C VAL A 64 7.85 -10.87 -3.27
N PHE A 65 8.62 -10.01 -3.94
CA PHE A 65 8.15 -9.16 -4.97
C PHE A 65 7.69 -9.93 -6.18
N GLU A 66 8.57 -10.82 -6.62
CA GLU A 66 8.33 -11.65 -7.79
C GLU A 66 7.24 -12.67 -7.62
N ALA A 67 7.04 -13.10 -6.38
CA ALA A 67 6.02 -14.08 -6.06
C ALA A 67 4.63 -13.47 -6.03
N GLY A 68 4.56 -12.16 -5.77
CA GLY A 68 3.29 -11.47 -5.76
C GLY A 68 2.70 -11.20 -7.13
N ARG A 69 3.57 -11.16 -8.14
CA ARG A 69 3.22 -10.93 -9.53
C ARG A 69 2.44 -12.08 -10.15
N ASP A 70 1.99 -11.80 -11.35
CA ASP A 70 1.26 -12.75 -12.13
C ASP A 70 2.36 -13.58 -12.79
N PRO A 71 2.09 -14.86 -12.94
CA PRO A 71 0.78 -15.42 -12.59
C PRO A 71 0.79 -16.14 -11.26
N TYR A 72 1.78 -15.86 -10.42
CA TYR A 72 1.92 -16.55 -9.16
C TYR A 72 0.91 -16.11 -8.15
N LYS A 73 0.83 -14.78 -8.01
CA LYS A 73 -0.10 -14.05 -7.14
C LYS A 73 -0.01 -14.57 -5.72
N LEU A 74 1.17 -14.54 -5.12
CA LEU A 74 1.31 -15.08 -3.79
C LEU A 74 1.48 -13.94 -2.80
N ARG A 75 1.02 -14.15 -1.57
CA ARG A 75 1.13 -13.13 -0.54
C ARG A 75 1.93 -13.60 0.65
N PRO A 76 2.54 -12.64 1.40
CA PRO A 76 3.34 -12.99 2.58
C PRO A 76 2.38 -13.15 3.71
N VAL A 77 2.34 -14.32 4.28
CA VAL A 77 1.43 -14.51 5.35
C VAL A 77 2.04 -14.30 6.73
N ALA A 78 3.36 -14.42 6.82
CA ALA A 78 4.07 -14.27 8.10
C ALA A 78 5.46 -13.77 7.81
N ALA A 79 6.02 -13.00 8.74
CA ALA A 79 7.37 -12.44 8.56
C ALA A 79 8.28 -12.88 9.68
N GLU A 80 9.57 -12.97 9.39
CA GLU A 80 10.54 -13.37 10.38
C GLU A 80 10.90 -12.15 11.18
N ILE A 81 11.00 -12.33 12.48
CA ILE A 81 11.36 -11.21 13.31
C ILE A 81 12.81 -11.38 13.71
N TYR A 82 13.58 -10.30 13.69
CA TYR A 82 14.97 -10.37 14.05
C TYR A 82 15.20 -9.49 15.27
N GLY A 83 16.45 -9.20 15.58
CA GLY A 83 16.72 -8.35 16.73
C GLY A 83 16.94 -9.17 17.99
N THR A 84 16.75 -8.54 19.14
CA THR A 84 16.95 -9.22 20.41
C THR A 84 15.60 -9.58 20.97
N LYS A 85 15.62 -10.29 22.10
CA LYS A 85 14.41 -10.71 22.81
C LYS A 85 13.61 -9.52 23.38
N GLU A 86 14.34 -8.54 23.86
CA GLU A 86 13.73 -7.34 24.39
C GLU A 86 13.71 -6.22 23.41
N SER A 87 14.42 -6.41 22.31
CA SER A 87 14.47 -5.39 21.29
C SER A 87 14.37 -6.06 19.95
N PRO A 88 13.15 -6.40 19.55
CA PRO A 88 12.99 -7.08 18.28
C PRO A 88 12.88 -6.09 17.15
N GLN A 89 12.92 -6.59 15.93
CA GLN A 89 12.82 -5.76 14.76
C GLN A 89 12.32 -6.62 13.63
N THR A 90 11.63 -5.99 12.69
CA THR A 90 11.10 -6.74 11.58
C THR A 90 11.59 -6.12 10.31
N HIS A 91 12.90 -5.96 10.27
CA HIS A 91 13.62 -5.42 9.15
C HIS A 91 15.07 -5.68 9.46
N TYR A 92 15.94 -5.40 8.52
CA TYR A 92 17.36 -5.57 8.78
C TYR A 92 18.14 -4.55 8.01
N TYR A 93 19.46 -4.67 8.01
CA TYR A 93 20.25 -3.65 7.35
C TYR A 93 21.22 -4.26 6.38
N ALA A 94 21.26 -3.71 5.17
CA ALA A 94 22.21 -4.18 4.18
C ALA A 94 23.47 -3.36 4.43
N VAL A 95 24.61 -4.04 4.47
CA VAL A 95 25.90 -3.40 4.75
C VAL A 95 27.00 -3.99 3.86
N ALA A 96 28.11 -3.28 3.77
CA ALA A 96 29.26 -3.74 3.01
C ALA A 96 30.40 -4.01 3.99
N VAL A 97 30.87 -5.25 4.04
CA VAL A 97 31.93 -5.60 4.94
C VAL A 97 33.25 -5.73 4.20
N VAL A 98 34.23 -5.02 4.74
CA VAL A 98 35.55 -5.02 4.21
C VAL A 98 36.46 -5.48 5.31
N LYS A 99 37.64 -5.92 4.91
CA LYS A 99 38.65 -6.37 5.86
C LYS A 99 39.35 -5.09 6.22
N LYS A 100 39.75 -4.99 7.48
CA LYS A 100 40.44 -3.81 8.01
C LYS A 100 41.77 -3.64 7.33
N GLY A 101 42.02 -2.42 6.89
CA GLY A 101 43.26 -2.17 6.20
C GLY A 101 43.10 -2.40 4.71
N SER A 102 42.38 -1.48 4.10
CA SER A 102 42.15 -1.46 2.67
C SER A 102 42.07 0.01 2.41
N ASN A 103 42.47 0.46 1.24
CA ASN A 103 42.42 1.89 1.01
C ASN A 103 41.19 2.39 0.27
N PHE A 104 40.42 1.45 -0.29
CA PHE A 104 39.22 1.79 -1.04
C PHE A 104 38.04 2.21 -0.18
N GLN A 105 37.21 3.04 -0.77
CA GLN A 105 36.00 3.45 -0.13
C GLN A 105 34.93 2.98 -1.04
N LEU A 106 33.70 3.38 -0.75
CA LEU A 106 32.51 3.01 -1.50
C LEU A 106 32.53 3.44 -2.98
N ASP A 107 33.19 4.57 -3.25
CA ASP A 107 33.37 5.07 -4.59
C ASP A 107 34.43 4.30 -5.37
N GLN A 108 35.42 3.81 -4.62
CA GLN A 108 36.58 3.09 -5.18
C GLN A 108 36.40 1.57 -5.32
N LEU A 109 35.20 1.13 -5.69
CA LEU A 109 34.91 -0.28 -5.86
C LEU A 109 35.01 -0.78 -7.29
N GLN A 110 35.42 0.10 -8.21
CA GLN A 110 35.55 -0.32 -9.60
C GLN A 110 36.86 -1.04 -9.74
N GLY A 111 36.82 -2.26 -10.26
CA GLY A 111 38.04 -3.02 -10.42
C GLY A 111 38.42 -3.72 -9.15
N ARG A 112 37.42 -4.07 -8.36
CA ARG A 112 37.64 -4.79 -7.14
C ARG A 112 36.95 -6.11 -7.34
N LYS A 113 37.07 -7.01 -6.38
CA LYS A 113 36.43 -8.32 -6.46
C LYS A 113 35.40 -8.40 -5.33
N SER A 114 34.16 -8.74 -5.65
CA SER A 114 33.14 -8.74 -4.61
C SER A 114 32.38 -10.01 -4.40
N CYS A 115 31.84 -10.08 -3.21
CA CYS A 115 31.07 -11.19 -2.78
C CYS A 115 29.63 -10.76 -2.64
N HIS A 116 28.76 -11.59 -3.21
CA HIS A 116 27.33 -11.35 -3.17
C HIS A 116 26.58 -12.58 -2.68
N THR A 117 25.50 -12.32 -1.95
CA THR A 117 24.66 -13.40 -1.40
C THR A 117 23.81 -14.06 -2.47
N GLY A 118 23.38 -13.28 -3.47
CA GLY A 118 22.54 -13.84 -4.52
C GLY A 118 22.04 -12.78 -5.49
N LEU A 119 21.66 -13.23 -6.68
CA LEU A 119 21.15 -12.35 -7.70
C LEU A 119 19.73 -12.05 -7.37
N GLY A 120 19.44 -10.77 -7.21
CA GLY A 120 18.10 -10.35 -6.86
C GLY A 120 17.78 -10.49 -5.37
N ARG A 121 18.81 -10.48 -4.54
CA ARG A 121 18.59 -10.59 -3.10
C ARG A 121 18.67 -9.19 -2.52
N SER A 122 17.99 -8.95 -1.39
CA SER A 122 17.95 -7.60 -0.79
C SER A 122 19.29 -7.01 -0.42
N ALA A 123 19.94 -7.60 0.58
CA ALA A 123 21.24 -7.16 1.07
C ALA A 123 22.33 -7.49 0.07
N GLY A 124 22.17 -8.61 -0.62
CA GLY A 124 23.19 -8.99 -1.56
C GLY A 124 23.16 -8.40 -2.95
N TRP A 125 22.01 -7.92 -3.42
CA TRP A 125 21.98 -7.41 -4.78
C TRP A 125 21.31 -6.07 -4.96
N ILE A 126 20.00 -6.08 -4.75
CA ILE A 126 19.07 -4.94 -4.91
C ILE A 126 19.50 -3.67 -4.24
N ILE A 127 19.81 -3.80 -2.96
CA ILE A 127 20.26 -2.67 -2.15
C ILE A 127 21.61 -2.09 -2.57
N PRO A 128 22.66 -2.93 -2.76
CA PRO A 128 23.96 -2.39 -3.18
C PRO A 128 24.03 -1.88 -4.62
N MET A 129 23.27 -2.49 -5.53
CA MET A 129 23.27 -2.06 -6.92
C MET A 129 22.53 -0.73 -7.19
N GLY A 130 21.70 -0.28 -6.24
CA GLY A 130 20.99 0.97 -6.41
C GLY A 130 21.85 2.13 -5.99
N ILE A 131 22.93 1.80 -5.30
CA ILE A 131 23.88 2.76 -4.82
C ILE A 131 25.06 2.93 -5.76
N LEU A 132 25.48 1.80 -6.34
CA LEU A 132 26.60 1.78 -7.25
C LEU A 132 26.30 2.27 -8.66
N ARG A 133 25.01 2.29 -9.00
CA ARG A 133 24.48 2.72 -10.32
C ARG A 133 25.02 3.99 -11.01
N PRO A 134 25.47 5.00 -10.22
CA PRO A 134 26.07 6.18 -10.86
C PRO A 134 27.49 5.86 -11.30
N TYR A 135 28.13 4.94 -10.57
CA TYR A 135 29.47 4.55 -10.87
C TYR A 135 29.58 3.53 -11.94
N LEU A 136 28.46 2.89 -12.23
CA LEU A 136 28.37 1.81 -13.21
C LEU A 136 28.67 2.16 -14.66
N SER A 137 28.23 3.36 -15.08
CA SER A 137 28.35 3.91 -16.47
C SER A 137 27.49 3.00 -17.36
N TRP A 138 26.29 2.72 -16.88
CA TRP A 138 25.37 1.84 -17.55
C TRP A 138 24.63 2.57 -18.63
N THR A 139 24.84 2.04 -19.81
CA THR A 139 24.17 2.53 -20.96
C THR A 139 23.26 1.38 -21.27
N GLU A 140 22.05 1.57 -20.78
CA GLU A 140 20.92 0.64 -20.77
C GLU A 140 20.51 0.04 -22.12
N SER A 141 20.81 0.71 -23.23
CA SER A 141 20.46 0.23 -24.58
C SER A 141 21.34 -0.94 -25.08
N LEU A 142 22.64 -0.87 -24.75
CA LEU A 142 23.59 -1.89 -25.18
C LEU A 142 23.50 -3.20 -24.42
N GLU A 143 23.50 -3.11 -23.09
CA GLU A 143 23.47 -4.30 -22.28
C GLU A 143 22.56 -4.14 -21.06
N PRO A 144 22.30 -5.25 -20.33
CA PRO A 144 21.46 -5.16 -19.12
C PRO A 144 22.34 -4.76 -17.97
N LEU A 145 21.75 -4.68 -16.78
CA LEU A 145 22.45 -4.31 -15.55
C LEU A 145 23.57 -5.25 -15.18
N GLN A 146 23.36 -6.53 -15.49
CA GLN A 146 24.33 -7.59 -15.29
C GLN A 146 25.55 -7.39 -16.18
N GLY A 147 25.35 -6.83 -17.37
CA GLY A 147 26.45 -6.56 -18.27
C GLY A 147 27.27 -5.34 -17.85
N ALA A 148 26.64 -4.38 -17.19
CA ALA A 148 27.32 -3.18 -16.72
C ALA A 148 28.08 -3.44 -15.43
N VAL A 149 27.50 -4.35 -14.66
CA VAL A 149 28.08 -4.77 -13.40
C VAL A 149 29.33 -5.64 -13.60
N ALA A 150 29.26 -6.51 -14.63
CA ALA A 150 30.33 -7.42 -15.03
C ALA A 150 31.63 -6.72 -15.39
N LYS A 151 31.53 -5.60 -16.08
CA LYS A 151 32.73 -4.88 -16.42
C LYS A 151 33.11 -3.86 -15.37
N PHE A 152 32.31 -3.74 -14.32
CA PHE A 152 32.60 -2.80 -13.25
C PHE A 152 33.62 -3.36 -12.26
N PHE A 153 33.27 -4.50 -11.67
CA PHE A 153 34.15 -5.21 -10.74
C PHE A 153 34.95 -6.16 -11.64
N SER A 154 36.06 -6.68 -11.13
CA SER A 154 36.88 -7.60 -11.89
C SER A 154 36.31 -9.00 -11.87
N ALA A 155 36.63 -9.69 -10.79
CA ALA A 155 36.15 -11.02 -10.53
C ALA A 155 35.10 -10.82 -9.49
N SER A 156 34.26 -11.82 -9.29
CA SER A 156 33.21 -11.78 -8.28
C SER A 156 32.55 -13.13 -8.14
N CYS A 157 31.67 -13.20 -7.15
CA CYS A 157 30.86 -14.36 -6.91
C CYS A 157 29.50 -13.81 -6.52
N VAL A 158 28.59 -13.96 -7.47
CA VAL A 158 27.21 -13.55 -7.32
C VAL A 158 26.54 -14.79 -7.85
N PRO A 159 26.08 -15.69 -6.95
CA PRO A 159 25.39 -16.93 -7.32
C PRO A 159 24.04 -16.63 -7.96
N CYS A 160 23.58 -17.56 -8.81
CA CYS A 160 22.32 -17.54 -9.60
C CYS A 160 22.49 -16.80 -10.93
N ILE A 161 23.66 -16.20 -11.12
CA ILE A 161 24.01 -15.46 -12.33
C ILE A 161 24.31 -16.43 -13.46
N ASP A 162 24.02 -16.00 -14.70
CA ASP A 162 24.31 -16.78 -15.90
C ASP A 162 25.83 -16.87 -15.99
N ARG A 163 26.30 -18.05 -15.57
CA ARG A 163 27.71 -18.44 -15.50
C ARG A 163 28.40 -18.43 -16.84
N GLN A 164 27.64 -18.85 -17.88
CA GLN A 164 28.13 -18.86 -19.25
C GLN A 164 28.22 -17.46 -19.86
N ALA A 165 27.26 -16.61 -19.49
CA ALA A 165 27.24 -15.25 -20.03
C ALA A 165 28.10 -14.22 -19.28
N TYR A 166 28.20 -14.33 -17.95
CA TYR A 166 28.98 -13.39 -17.14
C TYR A 166 29.80 -14.17 -16.12
N PRO A 167 30.86 -14.83 -16.62
CA PRO A 167 31.82 -15.73 -15.95
C PRO A 167 32.68 -15.07 -14.87
N ASN A 168 32.89 -13.77 -15.00
CA ASN A 168 33.64 -12.96 -14.04
C ASN A 168 32.87 -12.69 -12.76
N LEU A 169 31.55 -12.77 -12.88
CA LEU A 169 30.63 -12.61 -11.78
C LEU A 169 30.40 -13.95 -11.03
N CYS A 170 31.00 -15.00 -11.57
CA CYS A 170 30.96 -16.34 -11.02
C CYS A 170 32.37 -16.89 -10.82
N GLN A 171 33.36 -16.10 -11.21
CA GLN A 171 34.78 -16.44 -11.17
C GLN A 171 35.34 -16.69 -9.78
N LEU A 172 34.82 -15.95 -8.80
CA LEU A 172 35.27 -16.13 -7.43
C LEU A 172 34.49 -17.17 -6.64
N CYS A 173 33.46 -17.74 -7.26
CA CYS A 173 32.60 -18.74 -6.62
C CYS A 173 33.33 -20.05 -6.31
N LYS A 174 33.21 -20.47 -5.05
CA LYS A 174 33.88 -21.66 -4.56
C LYS A 174 33.26 -23.03 -4.91
N GLY A 175 32.24 -23.07 -5.76
CA GLY A 175 31.60 -24.33 -6.12
C GLY A 175 32.35 -25.28 -7.04
N GLU A 176 31.89 -26.55 -7.02
CA GLU A 176 32.46 -27.60 -7.86
C GLU A 176 31.77 -27.41 -9.20
N GLY A 177 32.49 -27.69 -10.29
CA GLY A 177 31.98 -27.51 -11.65
C GLY A 177 30.59 -28.00 -12.03
N GLU A 178 29.84 -27.10 -12.69
CA GLU A 178 28.45 -27.29 -13.17
C GLU A 178 27.44 -27.34 -12.00
N ASN A 179 27.89 -26.73 -10.91
CA ASN A 179 27.22 -26.61 -9.63
C ASN A 179 27.83 -25.44 -8.89
N GLN A 180 28.87 -24.92 -9.53
CA GLN A 180 29.62 -23.79 -9.07
C GLN A 180 28.77 -22.63 -9.52
N CYS A 181 28.62 -21.64 -8.63
CA CYS A 181 27.83 -20.40 -8.83
C CYS A 181 26.32 -20.71 -8.92
N ALA A 182 25.91 -21.81 -8.28
CA ALA A 182 24.52 -22.28 -8.26
C ALA A 182 23.68 -21.40 -7.34
N CYS A 183 22.36 -21.47 -7.53
CA CYS A 183 21.46 -20.65 -6.75
C CYS A 183 20.92 -21.34 -5.50
N SER A 184 21.83 -21.89 -4.70
CA SER A 184 21.49 -22.57 -3.46
C SER A 184 22.75 -22.89 -2.75
N SER A 185 22.55 -23.68 -1.68
CA SER A 185 23.55 -24.20 -0.72
C SER A 185 24.73 -24.98 -1.33
N ARG A 186 24.51 -25.48 -2.57
CA ARG A 186 25.46 -26.16 -3.45
C ARG A 186 26.70 -25.33 -3.67
N GLU A 187 26.47 -24.02 -3.85
CA GLU A 187 27.56 -23.09 -3.93
C GLU A 187 27.76 -22.78 -2.47
N PRO A 188 29.02 -22.88 -2.02
CA PRO A 188 29.43 -22.63 -0.64
C PRO A 188 29.45 -21.15 -0.37
N TYR A 189 29.59 -20.36 -1.42
CA TYR A 189 29.63 -18.92 -1.25
C TYR A 189 28.27 -18.24 -1.40
N PHE A 190 27.21 -19.07 -1.45
CA PHE A 190 25.84 -18.61 -1.58
C PHE A 190 25.36 -18.13 -0.21
N GLY A 191 24.44 -17.16 -0.18
CA GLY A 191 23.90 -16.69 1.08
C GLY A 191 24.71 -15.61 1.75
N TYR A 192 24.25 -15.18 2.92
CA TYR A 192 24.94 -14.15 3.68
C TYR A 192 26.25 -14.63 4.27
N SER A 193 26.18 -15.82 4.86
CA SER A 193 27.37 -16.45 5.45
C SER A 193 28.37 -16.94 4.41
N GLY A 194 27.84 -17.34 3.25
CA GLY A 194 28.67 -17.79 2.15
C GLY A 194 29.38 -16.60 1.56
N ALA A 195 28.71 -15.44 1.58
CA ALA A 195 29.30 -14.20 1.12
C ALA A 195 30.42 -13.72 2.04
N PHE A 196 30.23 -13.94 3.35
CA PHE A 196 31.23 -13.61 4.34
C PHE A 196 32.43 -14.52 4.26
N LYS A 197 32.19 -15.78 3.88
CA LYS A 197 33.24 -16.78 3.68
C LYS A 197 34.11 -16.48 2.46
N CYS A 198 33.52 -15.79 1.50
CA CYS A 198 34.18 -15.34 0.29
C CYS A 198 35.18 -14.21 0.59
N LEU A 199 34.83 -13.40 1.58
CA LEU A 199 35.68 -12.32 2.07
C LEU A 199 36.78 -12.81 2.98
N GLN A 200 36.37 -13.73 3.87
CA GLN A 200 37.19 -14.38 4.89
C GLN A 200 38.26 -15.28 4.31
N ASP A 201 37.96 -15.92 3.19
CA ASP A 201 38.94 -16.74 2.52
C ASP A 201 39.80 -15.87 1.60
N GLY A 202 39.58 -14.55 1.65
CA GLY A 202 40.31 -13.57 0.89
C GLY A 202 40.08 -13.60 -0.59
N ALA A 203 38.93 -14.11 -1.03
CA ALA A 203 38.64 -14.18 -2.44
C ALA A 203 38.18 -12.84 -2.98
N GLY A 204 37.31 -12.17 -2.23
CA GLY A 204 36.83 -10.88 -2.65
C GLY A 204 37.27 -9.86 -1.66
N ASP A 205 37.27 -8.60 -2.10
CA ASP A 205 37.65 -7.47 -1.24
C ASP A 205 36.49 -6.96 -0.41
N VAL A 206 35.28 -7.30 -0.84
CA VAL A 206 34.05 -6.87 -0.15
C VAL A 206 32.93 -7.89 -0.34
N ALA A 207 32.10 -7.96 0.69
CA ALA A 207 30.96 -8.81 0.68
C ALA A 207 29.77 -7.92 1.03
N PHE A 208 28.64 -8.16 0.39
CA PHE A 208 27.45 -7.37 0.66
C PHE A 208 26.47 -8.28 1.35
N VAL A 209 26.35 -8.14 2.67
CA VAL A 209 25.46 -9.00 3.46
C VAL A 209 24.64 -8.21 4.46
N LYS A 210 24.02 -8.87 5.43
CA LYS A 210 23.24 -8.14 6.44
C LYS A 210 24.12 -7.71 7.62
N GLU A 211 23.54 -6.94 8.53
CA GLU A 211 24.24 -6.40 9.70
C GLU A 211 24.66 -7.42 10.80
N THR A 212 24.12 -8.63 10.80
CA THR A 212 24.48 -9.60 11.82
C THR A 212 25.40 -10.72 11.33
N THR A 213 25.73 -10.73 10.04
CA THR A 213 26.54 -11.76 9.40
C THR A 213 27.96 -11.94 9.99
N VAL A 214 28.58 -10.84 10.35
CA VAL A 214 29.92 -10.90 10.93
C VAL A 214 29.93 -11.29 12.40
N PHE A 215 28.78 -11.14 13.03
CA PHE A 215 28.63 -11.48 14.41
C PHE A 215 28.34 -12.94 14.58
N GLU A 216 27.69 -13.51 13.59
CA GLU A 216 27.35 -14.92 13.62
C GLU A 216 28.47 -15.82 13.18
N ASN A 217 29.47 -15.23 12.53
CA ASN A 217 30.59 -16.00 12.03
C ASN A 217 31.89 -15.84 12.81
N LEU A 218 32.05 -14.73 13.52
CA LEU A 218 33.26 -14.52 14.33
C LEU A 218 32.82 -14.18 15.73
N PRO A 219 32.63 -15.20 16.61
CA PRO A 219 32.18 -15.08 18.02
C PRO A 219 33.02 -14.17 18.91
N GLU A 220 34.32 -14.20 18.73
CA GLU A 220 35.16 -13.35 19.54
C GLU A 220 35.41 -12.07 18.78
N LYS A 221 35.55 -10.99 19.54
CA LYS A 221 35.77 -9.64 19.02
C LYS A 221 37.08 -9.45 18.29
N ALA A 222 38.11 -10.22 18.70
CA ALA A 222 39.46 -10.21 18.11
C ALA A 222 39.51 -10.50 16.61
N ASP A 223 38.71 -11.46 16.18
CA ASP A 223 38.57 -11.78 14.77
C ASP A 223 37.63 -10.79 14.07
N ARG A 224 36.71 -10.25 14.88
CA ARG A 224 35.76 -9.24 14.40
C ARG A 224 36.38 -7.85 14.32
N ASP A 225 37.56 -7.72 14.90
CA ASP A 225 38.32 -6.49 14.87
C ASP A 225 39.08 -6.33 13.56
N GLN A 226 39.19 -7.41 12.79
CA GLN A 226 39.86 -7.36 11.51
C GLN A 226 38.94 -6.98 10.31
N TYR A 227 37.70 -6.57 10.61
CA TYR A 227 36.75 -6.16 9.58
C TYR A 227 36.20 -4.75 9.79
N GLU A 228 35.59 -4.19 8.74
CA GLU A 228 35.02 -2.83 8.79
C GLU A 228 33.78 -2.69 7.88
N LEU A 229 33.17 -1.50 7.93
CA LEU A 229 31.97 -1.21 7.15
C LEU A 229 32.17 0.03 6.30
N LEU A 230 31.86 -0.11 5.02
CA LEU A 230 31.96 1.00 4.08
C LEU A 230 30.70 1.86 4.24
N CYS A 231 30.84 3.10 4.70
CA CYS A 231 29.64 3.89 4.83
C CYS A 231 29.41 4.64 3.54
N LEU A 232 28.17 5.14 3.43
CA LEU A 232 27.66 5.88 2.28
C LEU A 232 28.35 7.20 1.98
N ASN A 233 28.90 7.83 3.02
CA ASN A 233 29.64 9.09 2.87
C ASN A 233 31.08 8.91 2.39
N ASN A 234 31.41 7.67 2.03
CA ASN A 234 32.69 7.22 1.51
C ASN A 234 33.75 7.24 2.59
N SER A 235 33.32 6.79 3.75
CA SER A 235 34.16 6.69 4.91
C SER A 235 34.33 5.19 5.18
N ARG A 236 34.41 4.88 6.47
CA ARG A 236 34.58 3.53 6.95
C ARG A 236 34.18 3.50 8.44
N ALA A 237 33.80 2.35 8.97
CA ALA A 237 33.39 2.27 10.39
C ALA A 237 33.54 0.85 10.96
N PRO A 238 33.45 0.71 12.31
CA PRO A 238 33.52 -0.62 12.93
C PRO A 238 32.17 -1.33 12.77
N VAL A 239 32.20 -2.66 12.84
CA VAL A 239 31.05 -3.57 12.64
C VAL A 239 29.84 -3.42 13.58
N ASP A 240 30.03 -2.83 14.77
CA ASP A 240 28.92 -2.65 15.69
C ASP A 240 28.23 -1.31 15.52
N ALA A 241 28.71 -0.54 14.54
CA ALA A 241 28.18 0.77 14.20
C ALA A 241 27.41 0.68 12.88
N PHE A 242 26.69 -0.44 12.72
CA PHE A 242 25.90 -0.76 11.53
C PHE A 242 24.68 0.15 11.32
N LYS A 243 24.08 0.54 12.45
CA LYS A 243 22.88 1.40 12.51
C LYS A 243 23.13 2.84 12.06
N GLU A 244 24.38 3.11 11.74
CA GLU A 244 24.88 4.35 11.25
C GLU A 244 25.79 4.14 10.07
N CYS A 245 26.21 2.91 9.85
CA CYS A 245 27.06 2.66 8.71
C CYS A 245 26.47 1.54 7.84
N HIS A 246 25.19 1.68 7.49
CA HIS A 246 24.56 0.70 6.61
C HIS A 246 24.27 1.34 5.29
N LEU A 247 23.67 0.58 4.40
CA LEU A 247 23.32 1.10 3.09
C LEU A 247 21.84 1.41 2.96
N ALA A 248 21.01 0.57 3.60
CA ALA A 248 19.56 0.70 3.59
C ALA A 248 18.92 -0.25 4.60
N GLN A 249 17.72 0.07 5.05
CA GLN A 249 17.02 -0.85 5.94
C GLN A 249 16.04 -1.62 5.06
N VAL A 250 16.13 -2.92 5.10
CA VAL A 250 15.29 -3.73 4.24
C VAL A 250 14.35 -4.48 5.10
N PRO A 251 13.15 -4.72 4.59
CA PRO A 251 12.07 -5.47 5.26
C PRO A 251 12.48 -6.90 5.35
N SER A 252 12.11 -7.51 6.46
CA SER A 252 12.44 -8.88 6.78
C SER A 252 11.82 -9.93 5.82
N HIS A 253 12.40 -11.12 5.87
CA HIS A 253 12.04 -12.24 5.02
C HIS A 253 10.70 -12.72 5.47
N ALA A 254 9.87 -13.10 4.50
CA ALA A 254 8.52 -13.54 4.82
C ALA A 254 8.20 -14.88 4.24
N VAL A 255 7.27 -15.56 4.88
CA VAL A 255 6.81 -16.84 4.41
C VAL A 255 5.66 -16.51 3.48
N VAL A 256 5.59 -17.19 2.34
CA VAL A 256 4.54 -16.88 1.40
C VAL A 256 3.63 -18.06 1.11
N ALA A 257 2.40 -17.72 0.77
CA ALA A 257 1.38 -18.68 0.43
C ALA A 257 0.52 -18.11 -0.67
N ARG A 258 -0.47 -18.90 -1.04
CA ARG A 258 -1.41 -18.52 -2.07
C ARG A 258 -2.39 -17.50 -1.55
N SER A 259 -2.84 -16.65 -2.47
CA SER A 259 -3.83 -15.60 -2.23
C SER A 259 -5.22 -16.17 -2.10
N VAL A 260 -5.43 -17.29 -2.78
CA VAL A 260 -6.69 -17.99 -2.79
C VAL A 260 -6.37 -19.42 -2.47
N ASP A 261 -7.00 -19.92 -1.39
CA ASP A 261 -6.84 -21.27 -0.85
C ASP A 261 -5.44 -21.51 -0.33
N GLY A 262 -4.76 -20.45 0.15
CA GLY A 262 -3.38 -20.54 0.59
C GLY A 262 -2.93 -21.43 1.75
N LYS A 263 -3.90 -21.86 2.57
CA LYS A 263 -3.77 -22.72 3.76
C LYS A 263 -3.07 -21.92 4.86
N GLU A 264 -3.29 -20.60 4.86
CA GLU A 264 -2.68 -19.62 5.77
C GLU A 264 -3.00 -19.82 7.25
N ASP A 265 -4.11 -20.48 7.52
CA ASP A 265 -4.53 -20.79 8.88
C ASP A 265 -3.73 -21.90 9.46
N LEU A 266 -3.53 -22.93 8.63
CA LEU A 266 -2.73 -24.09 8.97
C LEU A 266 -1.27 -23.76 9.08
N ILE A 267 -0.86 -22.91 8.15
CA ILE A 267 0.50 -22.38 8.06
C ILE A 267 0.89 -21.60 9.31
N TRP A 268 -0.03 -20.75 9.77
CA TRP A 268 0.19 -19.99 10.97
C TRP A 268 0.20 -20.85 12.23
N LYS A 269 -0.69 -21.84 12.24
CA LYS A 269 -0.87 -22.80 13.33
C LYS A 269 0.35 -23.60 13.60
N LEU A 270 0.90 -24.06 12.49
CA LEU A 270 2.11 -24.79 12.45
C LEU A 270 3.31 -23.94 12.85
N LEU A 271 3.32 -22.68 12.39
CA LEU A 271 4.40 -21.77 12.69
C LEU A 271 4.38 -21.23 14.09
N SER A 272 3.21 -21.18 14.66
CA SER A 272 3.10 -20.68 16.01
C SER A 272 3.55 -21.69 17.04
N LYS A 273 3.15 -22.94 16.85
CA LYS A 273 3.52 -24.00 17.77
C LYS A 273 4.96 -24.45 17.67
N ALA A 274 5.53 -24.31 16.46
CA ALA A 274 6.92 -24.67 16.19
C ALA A 274 7.88 -23.72 16.84
N GLN A 275 7.48 -22.45 16.78
CA GLN A 275 8.23 -21.37 17.38
C GLN A 275 8.09 -21.36 18.90
N GLU A 276 6.97 -21.90 19.36
CA GLU A 276 6.71 -22.04 20.77
C GLU A 276 7.37 -23.28 21.35
N LYS A 277 7.62 -24.27 20.49
CA LYS A 277 8.22 -25.49 20.97
C LYS A 277 9.69 -25.63 20.67
N PHE A 278 10.10 -25.30 19.45
CA PHE A 278 11.51 -25.43 19.11
C PHE A 278 12.01 -24.13 18.61
N GLY A 279 11.64 -23.05 19.27
CA GLY A 279 12.11 -21.75 18.83
C GLY A 279 13.51 -21.39 19.27
N LYS A 280 13.74 -20.08 19.38
CA LYS A 280 15.01 -19.58 19.84
C LYS A 280 15.01 -19.83 21.34
N ASN A 281 15.99 -20.65 21.76
CA ASN A 281 16.24 -21.06 23.15
C ASN A 281 15.07 -21.92 23.69
N LYS A 282 14.50 -22.79 22.86
CA LYS A 282 13.36 -23.56 23.36
C LYS A 282 13.60 -25.04 23.59
N SER A 283 14.53 -25.66 22.85
CA SER A 283 14.78 -27.09 23.04
C SER A 283 16.22 -27.50 22.78
N ARG A 284 16.55 -28.69 23.26
CA ARG A 284 17.87 -29.27 23.12
C ARG A 284 18.02 -30.08 21.84
N SER A 285 16.95 -30.76 21.46
CA SER A 285 16.94 -31.63 20.28
C SER A 285 16.87 -30.94 18.92
N PHE A 286 15.94 -30.00 18.80
CA PHE A 286 15.74 -29.36 17.52
C PHE A 286 15.73 -27.85 17.60
N GLN A 287 16.46 -27.22 16.68
CA GLN A 287 16.50 -25.76 16.59
C GLN A 287 15.97 -25.37 15.20
N LEU A 288 14.83 -24.69 15.22
CA LEU A 288 14.13 -24.20 14.01
C LEU A 288 14.88 -23.08 13.35
N PHE A 289 15.48 -22.24 14.18
CA PHE A 289 16.27 -21.11 13.70
C PHE A 289 17.74 -21.39 13.82
N GLY A 290 18.09 -22.68 13.82
CA GLY A 290 19.47 -23.08 13.91
C GLY A 290 19.77 -24.08 12.81
N SER A 291 20.86 -23.84 12.09
CA SER A 291 21.29 -24.71 11.00
C SER A 291 22.83 -24.97 11.03
N PRO A 292 23.30 -26.09 10.41
CA PRO A 292 24.68 -26.60 10.30
C PRO A 292 25.75 -25.67 9.77
N PRO A 293 27.02 -25.95 10.15
CA PRO A 293 28.19 -25.17 9.78
C PRO A 293 28.45 -25.48 8.35
N GLY A 294 28.53 -24.44 7.55
CA GLY A 294 28.75 -24.65 6.15
C GLY A 294 27.45 -24.61 5.35
N GLN A 295 26.32 -24.61 6.05
CA GLN A 295 25.01 -24.55 5.41
C GLN A 295 24.08 -23.81 6.38
N ARG A 296 24.18 -22.49 6.37
CA ARG A 296 23.41 -21.67 7.29
C ARG A 296 22.12 -21.25 6.66
N ASP A 297 21.21 -20.85 7.53
CA ASP A 297 19.88 -20.34 7.25
C ASP A 297 19.09 -21.30 6.44
N LEU A 298 18.89 -22.48 6.98
CA LEU A 298 18.12 -23.47 6.26
C LEU A 298 16.67 -23.33 6.68
N LEU A 299 15.78 -23.13 5.70
CA LEU A 299 14.32 -22.88 5.81
C LEU A 299 13.98 -21.47 6.24
N PHE A 300 14.53 -21.07 7.37
CA PHE A 300 14.36 -19.77 7.96
C PHE A 300 15.74 -19.19 8.21
N LYS A 301 15.79 -17.95 8.67
CA LYS A 301 17.04 -17.28 8.95
C LYS A 301 17.54 -17.79 10.29
N ASP A 302 18.86 -17.83 10.44
CA ASP A 302 19.42 -18.30 11.69
C ASP A 302 19.37 -17.20 12.68
N SER A 303 19.01 -17.58 13.90
CA SER A 303 18.87 -16.68 15.05
C SER A 303 17.74 -15.65 14.86
N ALA A 304 16.67 -16.13 14.24
CA ALA A 304 15.49 -15.32 14.06
C ALA A 304 14.73 -15.61 15.33
N LEU A 305 14.05 -14.63 15.88
CA LEU A 305 13.33 -14.84 17.13
C LEU A 305 11.97 -15.50 16.88
N GLY A 306 11.35 -15.16 15.77
CA GLY A 306 10.07 -15.73 15.46
C GLY A 306 9.30 -15.13 14.32
N PHE A 307 8.01 -15.44 14.31
CA PHE A 307 7.16 -15.00 13.26
C PHE A 307 6.07 -14.03 13.62
N LEU A 308 6.01 -12.97 12.83
CA LEU A 308 4.99 -11.95 12.98
C LEU A 308 3.92 -12.23 11.90
N ARG A 309 2.69 -12.47 12.34
CA ARG A 309 1.59 -12.76 11.40
C ARG A 309 1.15 -11.50 10.64
N ILE A 310 1.05 -11.62 9.33
CA ILE A 310 0.67 -10.51 8.45
C ILE A 310 -0.80 -10.51 8.13
N PRO A 311 -1.44 -9.32 8.27
CA PRO A 311 -2.83 -8.93 8.01
C PRO A 311 -3.19 -9.28 6.55
N SER A 312 -4.41 -9.78 6.35
CA SER A 312 -4.94 -10.23 5.04
C SER A 312 -4.92 -9.21 3.89
N LYS A 313 -5.05 -7.93 4.19
CA LYS A 313 -5.03 -6.94 3.13
C LYS A 313 -3.62 -6.52 2.68
N VAL A 314 -2.60 -6.92 3.44
CA VAL A 314 -1.24 -6.57 3.10
C VAL A 314 -0.74 -7.51 2.05
N ASP A 315 -0.41 -6.97 0.89
CA ASP A 315 0.15 -7.82 -0.15
C ASP A 315 1.66 -7.66 -0.15
N SER A 316 2.29 -8.29 -1.14
CA SER A 316 3.73 -8.28 -1.33
C SER A 316 4.31 -6.90 -1.61
N ALA A 317 3.54 -6.07 -2.32
CA ALA A 317 3.97 -4.71 -2.58
C ALA A 317 3.83 -3.82 -1.34
N LEU A 318 2.71 -4.00 -0.63
CA LEU A 318 2.41 -3.30 0.62
C LEU A 318 3.36 -3.66 1.75
N TYR A 319 3.70 -4.95 1.81
CA TYR A 319 4.66 -5.49 2.77
C TYR A 319 6.05 -4.92 2.54
N LEU A 320 6.44 -4.88 1.27
CA LEU A 320 7.74 -4.37 0.88
C LEU A 320 7.80 -2.88 1.03
N GLY A 321 6.71 -2.19 0.73
CA GLY A 321 6.71 -0.75 0.84
C GLY A 321 7.29 -0.02 -0.36
N SER A 322 6.73 1.18 -0.62
CA SER A 322 7.05 2.08 -1.76
C SER A 322 8.52 2.48 -1.88
N ARG A 323 9.23 2.56 -0.76
CA ARG A 323 10.64 2.91 -0.71
C ARG A 323 11.53 1.83 -1.31
N TYR A 324 11.27 0.59 -0.91
CA TYR A 324 11.96 -0.58 -1.44
C TYR A 324 11.48 -0.88 -2.83
N LEU A 325 10.18 -0.62 -3.03
CA LEU A 325 9.53 -0.81 -4.32
C LEU A 325 10.03 0.12 -5.37
N THR A 326 10.42 1.32 -4.97
CA THR A 326 10.96 2.27 -5.91
C THR A 326 12.29 1.84 -6.47
N THR A 327 13.22 1.55 -5.55
CA THR A 327 14.60 1.12 -5.78
C THR A 327 14.73 -0.16 -6.62
N LEU A 328 13.80 -1.08 -6.40
CA LEU A 328 13.69 -2.33 -7.14
C LEU A 328 13.21 -2.11 -8.56
N LYS A 329 12.13 -1.33 -8.66
CA LYS A 329 11.53 -1.00 -9.93
C LYS A 329 12.34 -0.01 -10.75
N ASN A 330 13.11 0.83 -10.05
CA ASN A 330 13.99 1.81 -10.70
C ASN A 330 15.20 1.17 -11.38
N LEU A 331 15.56 -0.03 -10.92
CA LEU A 331 16.64 -0.78 -11.53
C LEU A 331 16.20 -1.46 -12.80
N ARG A 332 14.89 -1.67 -12.86
CA ARG A 332 14.24 -2.27 -14.00
C ARG A 332 13.98 -1.26 -15.12
N GLU A 333 13.94 0.03 -14.77
CA GLU A 333 13.71 1.08 -15.74
C GLU A 333 14.99 1.80 -16.08
N THR A 334 14.92 2.72 -17.03
CA THR A 334 16.08 3.48 -17.37
C THR A 334 16.05 4.77 -16.60
N ALA A 335 17.10 5.57 -16.79
CA ALA A 335 17.26 6.85 -16.14
C ALA A 335 16.25 7.86 -16.56
N GLU A 336 15.94 7.83 -17.84
CA GLU A 336 14.98 8.69 -18.42
C GLU A 336 13.56 8.29 -18.09
N GLU A 337 13.34 7.00 -17.89
CA GLU A 337 12.03 6.48 -17.51
C GLU A 337 11.71 6.83 -16.08
N VAL A 338 12.78 6.76 -15.28
CA VAL A 338 12.77 7.12 -13.88
C VAL A 338 12.54 8.60 -13.69
N LYS A 339 13.27 9.37 -14.51
CA LYS A 339 13.18 10.83 -14.57
C LYS A 339 11.76 11.32 -14.90
N ALA A 340 11.17 10.69 -15.93
CA ALA A 340 9.83 10.95 -16.42
C ALA A 340 8.75 10.56 -15.43
N ARG A 341 9.00 9.48 -14.69
CA ARG A 341 8.08 8.98 -13.68
C ARG A 341 7.91 9.91 -12.50
N TYR A 342 9.02 10.54 -12.10
CA TYR A 342 8.98 11.51 -11.01
C TYR A 342 8.36 12.82 -11.41
N THR A 343 8.51 13.15 -12.69
CA THR A 343 7.96 14.36 -13.24
C THR A 343 6.45 14.28 -13.45
N ARG A 344 6.00 13.11 -13.89
CA ARG A 344 4.59 12.92 -14.14
C ARG A 344 3.83 12.66 -12.86
N VAL A 345 2.57 13.05 -12.88
CA VAL A 345 1.71 12.85 -11.77
C VAL A 345 0.68 11.83 -12.19
N VAL A 346 0.57 10.77 -11.41
CA VAL A 346 -0.39 9.78 -11.77
C VAL A 346 -1.61 9.93 -10.90
N TRP A 347 -2.72 10.31 -11.52
CA TRP A 347 -3.95 10.52 -10.80
C TRP A 347 -4.73 9.23 -10.69
N CYS A 348 -5.36 8.98 -9.54
CA CYS A 348 -6.18 7.75 -9.41
C CYS A 348 -7.69 8.02 -9.67
N ALA A 349 -8.26 7.26 -10.61
CA ALA A 349 -9.65 7.39 -10.98
C ALA A 349 -10.50 6.25 -10.39
N VAL A 350 -11.63 6.57 -9.76
CA VAL A 350 -12.48 5.52 -9.22
C VAL A 350 -13.59 5.23 -10.23
N GLY A 351 -13.58 4.04 -10.82
CA GLY A 351 -14.62 3.74 -11.78
C GLY A 351 -14.33 4.20 -13.21
N PRO A 352 -15.16 3.69 -14.15
CA PRO A 352 -15.20 3.88 -15.61
C PRO A 352 -15.30 5.32 -16.12
N GLU A 353 -16.30 6.06 -15.62
CA GLU A 353 -16.56 7.45 -15.99
C GLU A 353 -15.48 8.42 -15.60
N GLU A 354 -14.89 8.14 -14.43
CA GLU A 354 -13.77 8.91 -13.90
C GLU A 354 -12.51 8.72 -14.69
N GLN A 355 -12.32 7.49 -15.17
CA GLN A 355 -11.18 7.11 -16.00
C GLN A 355 -11.17 7.82 -17.35
N LYS A 356 -12.38 7.98 -17.91
CA LYS A 356 -12.63 8.68 -19.15
C LYS A 356 -12.37 10.16 -19.04
N LYS A 357 -12.69 10.71 -17.88
CA LYS A 357 -12.42 12.10 -17.62
C LYS A 357 -10.96 12.35 -17.41
N CYS A 358 -10.31 11.38 -16.75
CA CYS A 358 -8.88 11.45 -16.48
C CYS A 358 -8.03 11.33 -17.73
N GLN A 359 -8.48 10.46 -18.65
CA GLN A 359 -7.83 10.26 -19.93
C GLN A 359 -7.93 11.47 -20.84
N GLN A 360 -9.05 12.19 -20.70
CA GLN A 360 -9.25 13.44 -21.42
C GLN A 360 -8.34 14.53 -20.90
N TRP A 361 -8.16 14.52 -19.58
CA TRP A 361 -7.29 15.42 -18.87
C TRP A 361 -5.84 15.22 -19.24
N SER A 362 -5.44 13.95 -19.26
CA SER A 362 -4.10 13.48 -19.61
C SER A 362 -3.64 13.92 -21.02
N GLN A 363 -4.54 13.73 -21.99
CA GLN A 363 -4.30 14.09 -23.39
C GLN A 363 -4.25 15.59 -23.58
N GLN A 364 -5.14 16.27 -22.84
CA GLN A 364 -5.18 17.72 -22.81
C GLN A 364 -4.03 18.32 -22.04
N SER A 365 -3.51 17.55 -21.06
CA SER A 365 -2.37 18.01 -20.29
C SER A 365 -1.08 17.68 -20.98
N GLY A 366 -1.15 16.95 -22.10
CA GLY A 366 0.03 16.59 -22.87
C GLY A 366 0.87 15.55 -22.16
N GLN A 367 0.17 14.68 -21.44
CA GLN A 367 0.71 13.61 -20.63
C GLN A 367 1.47 14.09 -19.41
N ASN A 368 1.09 15.26 -18.90
CA ASN A 368 1.66 15.80 -17.68
C ASN A 368 1.02 15.12 -16.48
N VAL A 369 -0.23 14.73 -16.69
CA VAL A 369 -1.03 14.00 -15.73
C VAL A 369 -1.30 12.67 -16.39
N THR A 370 -1.15 11.59 -15.64
CA THR A 370 -1.35 10.22 -16.11
C THR A 370 -2.40 9.57 -15.23
N CYS A 371 -3.13 8.59 -15.73
CA CYS A 371 -4.20 7.96 -14.95
C CYS A 371 -3.94 6.55 -14.50
N ALA A 372 -4.63 6.21 -13.44
CA ALA A 372 -4.63 4.89 -12.88
C ALA A 372 -6.05 4.75 -12.39
N THR A 373 -6.57 3.55 -12.43
CA THR A 373 -7.93 3.36 -12.08
C THR A 373 -8.08 2.20 -11.14
N ALA A 374 -8.99 2.38 -10.20
CA ALA A 374 -9.35 1.35 -9.27
C ALA A 374 -10.86 1.38 -9.25
N SER A 375 -11.49 0.31 -8.81
CA SER A 375 -12.94 0.27 -8.77
C SER A 375 -13.51 0.94 -7.52
N THR A 376 -12.70 1.11 -6.49
CA THR A 376 -13.14 1.75 -5.27
C THR A 376 -12.08 2.74 -4.87
N THR A 377 -12.45 3.60 -3.93
CA THR A 377 -11.59 4.63 -3.41
C THR A 377 -10.49 4.09 -2.55
N ASP A 378 -10.83 3.03 -1.83
CA ASP A 378 -9.90 2.31 -0.98
C ASP A 378 -8.75 1.67 -1.76
N ASP A 379 -9.10 1.13 -2.94
CA ASP A 379 -8.15 0.53 -3.87
C ASP A 379 -7.20 1.52 -4.45
N CYS A 380 -7.72 2.73 -4.64
CA CYS A 380 -6.95 3.85 -5.09
C CYS A 380 -5.97 4.35 -4.05
N ILE A 381 -6.35 4.23 -2.78
CA ILE A 381 -5.51 4.61 -1.66
C ILE A 381 -4.32 3.71 -1.55
N VAL A 382 -4.61 2.43 -1.76
CA VAL A 382 -3.66 1.35 -1.79
C VAL A 382 -2.65 1.52 -2.90
N LEU A 383 -3.12 2.00 -4.06
CA LEU A 383 -2.25 2.27 -5.21
C LEU A 383 -1.36 3.49 -5.00
N VAL A 384 -1.84 4.43 -4.19
CA VAL A 384 -1.07 5.61 -3.84
C VAL A 384 0.06 5.26 -2.89
N LEU A 385 -0.31 4.36 -1.96
CA LEU A 385 0.59 3.76 -1.00
C LEU A 385 1.68 2.93 -1.65
N LYS A 386 1.31 2.24 -2.74
CA LYS A 386 2.24 1.42 -3.50
C LYS A 386 3.11 2.25 -4.40
N GLY A 387 2.69 3.49 -4.68
CA GLY A 387 3.48 4.33 -5.55
C GLY A 387 3.05 4.20 -6.99
N GLU A 388 2.01 3.39 -7.24
CA GLU A 388 1.48 3.20 -8.57
C GLU A 388 0.70 4.41 -9.09
N ALA A 389 0.12 5.15 -8.15
CA ALA A 389 -0.57 6.37 -8.42
C ALA A 389 0.05 7.41 -7.51
N ASP A 390 -0.17 8.68 -7.82
CA ASP A 390 0.38 9.75 -7.00
C ASP A 390 -0.67 10.43 -6.11
N ALA A 391 -1.85 10.71 -6.67
CA ALA A 391 -2.88 11.42 -5.91
C ALA A 391 -4.29 11.19 -6.43
N LEU A 392 -5.23 11.75 -5.66
CA LEU A 392 -6.67 11.79 -5.89
C LEU A 392 -7.34 12.72 -4.85
N ASN A 393 -8.47 13.27 -5.25
CA ASN A 393 -9.25 14.19 -4.41
C ASN A 393 -10.21 13.32 -3.58
N LEU A 394 -10.34 13.57 -2.28
CA LEU A 394 -11.14 12.68 -1.45
C LEU A 394 -12.07 13.38 -0.51
N ASP A 395 -13.15 12.68 -0.14
CA ASP A 395 -14.15 13.13 0.83
C ASP A 395 -13.49 12.89 2.18
N GLY A 396 -13.79 13.77 3.15
CA GLY A 396 -13.23 13.72 4.50
C GLY A 396 -13.17 12.41 5.27
N GLY A 397 -14.15 11.52 5.08
CA GLY A 397 -14.15 10.23 5.75
C GLY A 397 -13.14 9.26 5.13
N TYR A 398 -12.83 9.51 3.86
CA TYR A 398 -11.83 8.73 3.18
C TYR A 398 -10.45 9.23 3.49
N ILE A 399 -10.39 10.54 3.81
CA ILE A 399 -9.19 11.25 4.20
C ILE A 399 -8.63 10.72 5.52
N TYR A 400 -9.55 10.32 6.40
CA TYR A 400 -9.24 9.68 7.65
C TYR A 400 -8.53 8.35 7.46
N THR A 401 -9.05 7.60 6.49
CA THR A 401 -8.51 6.33 6.11
C THR A 401 -7.14 6.43 5.49
N ALA A 402 -7.00 7.44 4.64
CA ALA A 402 -5.75 7.77 3.96
C ALA A 402 -4.67 8.33 4.89
N GLY A 403 -5.10 9.06 5.91
CA GLY A 403 -4.19 9.66 6.86
C GLY A 403 -3.69 8.62 7.82
N LYS A 404 -4.52 7.61 8.07
CA LYS A 404 -4.15 6.50 8.91
C LYS A 404 -3.24 5.51 8.19
N CYS A 405 -3.01 5.77 6.92
CA CYS A 405 -2.11 4.99 6.12
C CYS A 405 -1.00 5.93 5.77
N GLY A 406 -1.02 7.11 6.35
CA GLY A 406 0.06 8.05 6.13
C GLY A 406 0.05 9.03 5.00
N LEU A 407 -1.06 9.16 4.27
CA LEU A 407 -1.12 10.13 3.18
C LEU A 407 -1.39 11.51 3.75
N VAL A 408 -0.94 12.55 3.08
CA VAL A 408 -1.13 13.89 3.62
C VAL A 408 -1.94 14.72 2.69
N PRO A 409 -2.60 15.73 3.23
CA PRO A 409 -3.43 16.65 2.46
C PRO A 409 -2.56 17.63 1.73
N VAL A 410 -2.95 17.97 0.51
CA VAL A 410 -2.20 18.88 -0.30
C VAL A 410 -2.95 20.13 -0.63
N LEU A 411 -4.14 19.95 -1.18
CA LEU A 411 -4.98 21.08 -1.55
C LEU A 411 -6.42 20.66 -1.34
N ALA A 412 -7.24 21.63 -0.94
CA ALA A 412 -8.66 21.41 -0.66
C ALA A 412 -9.51 22.09 -1.72
N GLU A 413 -10.71 21.56 -1.89
CA GLU A 413 -11.69 22.11 -2.85
C GLU A 413 -12.29 23.36 -2.22
N ASN A 414 -12.35 24.41 -3.02
CA ASN A 414 -12.88 25.66 -2.56
C ASN A 414 -13.86 26.15 -3.62
N ARG A 415 -15.11 26.34 -3.21
CA ARG A 415 -16.17 26.83 -4.08
C ARG A 415 -16.38 28.33 -3.83
N LYS A 416 -17.46 28.87 -4.40
CA LYS A 416 -17.81 30.29 -4.30
C LYS A 416 -18.39 30.58 -2.89
N SER A 417 -17.84 31.62 -2.24
CA SER A 417 -18.26 31.99 -0.90
C SER A 417 -19.33 33.09 -1.00
N SER A 418 -19.77 33.57 0.16
CA SER A 418 -20.75 34.64 0.22
C SER A 418 -20.09 36.01 0.39
N LYS A 419 -18.88 36.00 0.96
CA LYS A 419 -18.14 37.22 1.23
C LYS A 419 -17.16 37.73 0.13
N HIS A 420 -15.98 37.11 0.04
CA HIS A 420 -14.91 37.54 -0.88
C HIS A 420 -15.09 37.31 -2.36
N SER A 421 -14.50 38.26 -3.05
CA SER A 421 -14.35 38.38 -4.50
C SER A 421 -12.95 38.93 -4.79
N SER A 422 -12.44 39.44 -3.66
CA SER A 422 -11.16 40.11 -3.45
C SER A 422 -9.99 39.16 -3.43
N LEU A 423 -9.97 38.38 -2.36
CA LEU A 423 -8.98 37.36 -2.08
C LEU A 423 -9.22 36.26 -3.10
N ASP A 424 -8.12 35.82 -3.71
CA ASP A 424 -8.09 34.78 -4.74
C ASP A 424 -8.51 33.48 -4.10
N CYS A 425 -9.30 32.70 -4.86
CA CYS A 425 -9.86 31.39 -4.48
C CYS A 425 -8.83 30.42 -3.91
N VAL A 426 -7.62 30.47 -4.48
CA VAL A 426 -6.46 29.69 -4.06
C VAL A 426 -5.97 30.08 -2.68
N LEU A 427 -6.01 31.38 -2.41
CA LEU A 427 -5.62 31.90 -1.12
C LEU A 427 -6.80 32.05 -0.16
N ARG A 428 -8.01 31.91 -0.70
CA ARG A 428 -9.22 32.01 0.10
C ARG A 428 -9.51 30.71 0.85
N PRO A 429 -9.91 30.83 2.11
CA PRO A 429 -10.26 29.75 3.04
C PRO A 429 -11.53 29.00 2.67
N THR A 430 -11.52 27.71 2.99
CA THR A 430 -12.60 26.81 2.71
C THR A 430 -13.63 27.03 3.77
N GLU A 431 -14.88 26.89 3.40
CA GLU A 431 -15.91 27.11 4.39
C GLU A 431 -16.46 25.83 4.96
N GLY A 432 -16.53 24.79 4.14
CA GLY A 432 -17.06 23.54 4.64
C GLY A 432 -18.50 23.38 4.22
N TYR A 433 -18.95 22.15 4.03
CA TYR A 433 -20.30 21.96 3.56
C TYR A 433 -21.21 21.55 4.67
N LEU A 434 -22.50 21.72 4.42
CA LEU A 434 -23.50 21.39 5.41
C LEU A 434 -24.07 20.03 5.14
N ALA A 435 -24.01 19.16 6.16
CA ALA A 435 -24.52 17.81 6.04
C ALA A 435 -26.02 17.81 6.34
N VAL A 436 -26.83 17.31 5.40
CA VAL A 436 -28.28 17.30 5.61
C VAL A 436 -28.94 15.93 5.42
N ALA A 437 -30.17 15.85 5.91
CA ALA A 437 -31.06 14.69 5.83
C ALA A 437 -32.34 15.19 5.15
N VAL A 438 -32.50 14.78 3.90
CA VAL A 438 -33.59 15.20 3.04
C VAL A 438 -34.67 14.13 2.83
N VAL A 439 -35.91 14.58 2.85
CA VAL A 439 -37.06 13.72 2.60
C VAL A 439 -37.98 14.42 1.61
N LYS A 440 -39.05 13.72 1.21
CA LYS A 440 -40.08 14.29 0.33
C LYS A 440 -41.03 14.94 1.32
N LYS A 441 -41.65 16.06 0.92
CA LYS A 441 -42.60 16.79 1.78
C LYS A 441 -43.88 16.01 2.03
N ALA A 442 -44.30 15.29 0.98
CA ALA A 442 -45.49 14.45 0.94
C ALA A 442 -45.51 13.22 1.86
N ASN A 443 -44.51 13.04 2.69
CA ASN A 443 -44.49 11.92 3.59
C ASN A 443 -44.39 12.55 4.94
N GLU A 444 -45.50 13.15 5.35
CA GLU A 444 -45.62 13.81 6.64
C GLU A 444 -45.55 12.83 7.79
N GLY A 445 -45.00 13.29 8.90
CA GLY A 445 -44.86 12.44 10.06
C GLY A 445 -43.48 11.81 10.05
N LEU A 446 -42.66 12.29 9.13
CA LEU A 446 -41.33 11.78 9.04
C LEU A 446 -40.44 12.80 9.72
N THR A 447 -40.01 12.45 10.91
CA THR A 447 -39.15 13.33 11.66
C THR A 447 -37.87 12.52 11.87
N TRP A 448 -36.88 13.13 12.55
CA TRP A 448 -35.61 12.46 12.90
C TRP A 448 -35.80 11.28 13.89
N ASN A 449 -36.84 11.43 14.73
CA ASN A 449 -37.26 10.44 15.72
C ASN A 449 -37.88 9.20 15.10
N SER A 450 -38.68 9.41 14.06
CA SER A 450 -39.36 8.31 13.38
C SER A 450 -38.53 7.79 12.21
N LEU A 451 -37.23 7.58 12.43
CA LEU A 451 -36.33 7.13 11.37
C LEU A 451 -36.09 5.64 11.30
N LYS A 452 -36.37 4.90 12.37
CA LYS A 452 -36.11 3.48 12.39
C LYS A 452 -37.06 2.76 11.46
N ASP A 453 -36.51 1.76 10.78
CA ASP A 453 -37.18 0.92 9.80
C ASP A 453 -37.70 1.58 8.54
N LYS A 454 -37.09 2.70 8.19
CA LYS A 454 -37.46 3.41 6.99
C LYS A 454 -36.41 3.08 5.95
N LYS A 455 -36.58 3.54 4.73
CA LYS A 455 -35.57 3.24 3.74
C LYS A 455 -34.59 4.38 3.68
N SER A 456 -33.31 4.08 3.57
CA SER A 456 -32.33 5.16 3.52
C SER A 456 -31.48 5.12 2.25
N CYS A 457 -30.94 6.30 1.93
CA CYS A 457 -30.05 6.48 0.78
C CYS A 457 -28.80 7.20 1.30
N HIS A 458 -27.65 6.62 1.04
CA HIS A 458 -26.39 7.18 1.51
C HIS A 458 -25.54 7.38 0.31
N THR A 459 -24.60 8.33 0.36
CA THR A 459 -23.71 8.62 -0.78
C THR A 459 -22.75 7.44 -1.06
N ALA A 460 -22.31 6.80 0.05
CA ALA A 460 -21.44 5.62 0.17
C ALA A 460 -21.09 5.47 1.64
N VAL A 461 -20.49 4.32 1.97
CA VAL A 461 -20.03 4.03 3.33
C VAL A 461 -18.71 4.77 3.51
N ASP A 462 -18.44 5.19 4.76
CA ASP A 462 -17.26 5.92 5.21
C ASP A 462 -17.20 7.31 4.71
N ARG A 463 -18.24 7.83 4.05
CA ARG A 463 -18.16 9.18 3.58
C ARG A 463 -18.73 10.04 4.66
N THR A 464 -18.40 11.33 4.65
CA THR A 464 -18.84 12.27 5.69
C THR A 464 -20.36 12.45 5.81
N ALA A 465 -20.95 13.04 4.77
CA ALA A 465 -22.39 13.31 4.69
C ALA A 465 -23.29 12.07 4.56
N GLY A 466 -22.87 11.14 3.71
CA GLY A 466 -23.67 9.95 3.54
C GLY A 466 -23.45 8.88 4.58
N TRP A 467 -22.38 8.95 5.36
CA TRP A 467 -22.17 7.87 6.30
C TRP A 467 -21.82 8.28 7.74
N ASN A 468 -20.64 8.86 7.93
CA ASN A 468 -20.06 9.20 9.25
C ASN A 468 -20.90 10.04 10.19
N ILE A 469 -21.54 11.09 9.65
CA ILE A 469 -22.41 11.96 10.46
C ILE A 469 -23.73 11.35 10.93
N PRO A 470 -24.57 10.81 10.02
CA PRO A 470 -25.84 10.20 10.45
C PRO A 470 -25.71 8.88 11.19
N MET A 471 -24.83 7.99 10.72
CA MET A 471 -24.63 6.69 11.36
C MET A 471 -23.93 6.82 12.69
N GLY A 472 -23.04 7.82 12.80
CA GLY A 472 -22.32 8.11 14.04
C GLY A 472 -23.28 8.63 15.10
N LEU A 473 -24.20 9.50 14.64
CA LEU A 473 -25.26 10.07 15.47
C LEU A 473 -26.32 9.02 15.89
N ILE A 474 -26.66 8.11 14.97
CA ILE A 474 -27.64 7.07 15.21
C ILE A 474 -27.16 6.00 16.18
N VAL A 475 -25.88 5.66 16.05
CA VAL A 475 -25.22 4.68 16.92
C VAL A 475 -25.13 5.16 18.35
N ASN A 476 -24.90 6.46 18.46
CA ASN A 476 -24.83 7.15 19.70
C ASN A 476 -26.14 7.30 20.38
N GLN A 477 -27.17 7.47 19.57
CA GLN A 477 -28.51 7.64 20.10
C GLN A 477 -29.22 6.33 20.38
N THR A 478 -28.80 5.29 19.68
CA THR A 478 -29.39 4.01 19.90
C THR A 478 -28.63 3.42 21.03
N GLY A 479 -27.32 3.67 21.02
CA GLY A 479 -26.47 3.13 22.06
C GLY A 479 -26.13 1.72 21.63
N SER A 480 -26.10 1.53 20.33
CA SER A 480 -25.84 0.25 19.77
C SER A 480 -24.90 0.42 18.61
N CYS A 481 -24.35 -0.69 18.12
CA CYS A 481 -23.43 -0.70 16.99
C CYS A 481 -23.97 -1.43 15.78
N ALA A 482 -25.23 -1.85 15.83
CA ALA A 482 -25.86 -2.58 14.73
C ALA A 482 -26.60 -1.64 13.77
N PHE A 483 -25.82 -0.88 12.99
CA PHE A 483 -26.37 0.07 12.02
C PHE A 483 -26.99 -0.60 10.80
N ASP A 484 -26.60 -1.85 10.61
CA ASP A 484 -27.11 -2.72 9.61
C ASP A 484 -28.56 -3.06 9.88
N GLU A 485 -28.91 -3.13 11.15
CA GLU A 485 -30.27 -3.37 11.49
C GLU A 485 -31.05 -2.13 11.91
N PHE A 486 -30.59 -0.94 11.54
CA PHE A 486 -31.34 0.27 11.92
C PHE A 486 -32.48 0.57 10.99
N PHE A 487 -32.12 0.81 9.73
CA PHE A 487 -33.08 1.08 8.67
C PHE A 487 -33.51 -0.29 8.18
N SER A 488 -34.67 -0.35 7.55
CA SER A 488 -35.18 -1.61 7.01
C SER A 488 -34.45 -2.06 5.75
N GLN A 489 -34.05 -1.09 4.92
CA GLN A 489 -33.33 -1.37 3.70
C GLN A 489 -32.65 -0.10 3.32
N SER A 490 -31.45 -0.19 2.79
CA SER A 490 -30.74 1.00 2.41
C SER A 490 -30.05 0.76 1.12
N CYS A 491 -29.39 1.81 0.69
CA CYS A 491 -28.50 1.78 -0.44
C CYS A 491 -27.31 2.60 0.03
N ALA A 492 -26.30 1.90 0.49
CA ALA A 492 -25.12 2.56 0.98
C ALA A 492 -24.05 1.81 0.29
N PRO A 493 -23.59 2.31 -0.88
CA PRO A 493 -22.56 1.70 -1.74
C PRO A 493 -21.28 1.50 -0.95
N GLY A 494 -20.79 0.27 -0.91
CA GLY A 494 -19.63 -0.02 -0.11
C GLY A 494 -19.89 -1.03 0.99
N ALA A 495 -21.16 -1.39 1.21
CA ALA A 495 -21.50 -2.40 2.21
C ALA A 495 -21.48 -3.79 1.56
N ASP A 496 -21.91 -4.82 2.30
CA ASP A 496 -21.99 -6.18 1.79
C ASP A 496 -23.25 -6.19 0.94
N PRO A 497 -23.13 -6.57 -0.34
CA PRO A 497 -24.15 -6.63 -1.40
C PRO A 497 -25.25 -7.59 -1.05
N LYS A 498 -24.89 -8.57 -0.23
CA LYS A 498 -25.84 -9.50 0.28
C LYS A 498 -26.46 -9.04 1.58
N SER A 499 -25.98 -7.93 2.13
CA SER A 499 -26.57 -7.37 3.33
C SER A 499 -27.73 -6.43 2.99
N ARG A 500 -28.47 -5.98 4.01
CA ARG A 500 -29.62 -5.09 3.78
C ARG A 500 -29.27 -3.59 3.49
N LEU A 501 -27.99 -3.25 3.55
CA LEU A 501 -27.50 -1.90 3.28
C LEU A 501 -27.24 -1.67 1.81
N CYS A 502 -27.30 -2.76 1.08
CA CYS A 502 -27.11 -2.73 -0.33
C CYS A 502 -28.41 -2.97 -1.09
N ALA A 503 -29.41 -3.43 -0.34
CA ALA A 503 -30.77 -3.82 -0.76
C ALA A 503 -31.50 -2.88 -1.74
N LEU A 504 -31.22 -1.58 -1.66
CA LEU A 504 -31.85 -0.63 -2.54
C LEU A 504 -30.92 -0.09 -3.61
N CYS A 505 -29.74 -0.68 -3.74
CA CYS A 505 -28.81 -0.17 -4.73
C CYS A 505 -29.14 -0.70 -6.09
N ALA A 506 -28.96 0.13 -7.10
CA ALA A 506 -29.33 -0.22 -8.45
C ALA A 506 -28.37 -0.99 -9.37
N GLY A 507 -27.09 -0.64 -9.36
CA GLY A 507 -26.14 -1.26 -10.27
C GLY A 507 -26.12 -0.33 -11.47
N ASP A 508 -25.73 -0.83 -12.63
CA ASP A 508 -25.71 0.01 -13.83
C ASP A 508 -27.07 -0.05 -14.52
N ASP A 509 -27.08 0.16 -15.83
CA ASP A 509 -28.34 0.09 -16.55
C ASP A 509 -28.75 -1.33 -16.95
N GLN A 510 -27.83 -2.28 -16.68
CA GLN A 510 -28.00 -3.70 -16.88
C GLN A 510 -28.21 -4.26 -15.47
N GLY A 511 -27.97 -3.40 -14.49
CA GLY A 511 -28.13 -3.79 -13.10
C GLY A 511 -27.01 -4.62 -12.50
N LEU A 512 -25.82 -4.55 -13.08
CA LEU A 512 -24.68 -5.31 -12.54
C LEU A 512 -23.88 -4.35 -11.72
N ASP A 513 -23.06 -4.89 -10.81
CA ASP A 513 -22.16 -4.17 -9.89
C ASP A 513 -23.00 -3.35 -8.92
N LYS A 514 -24.04 -3.98 -8.36
CA LYS A 514 -24.94 -3.31 -7.44
C LYS A 514 -24.20 -3.12 -6.17
N CYS A 515 -24.32 -1.90 -5.63
CA CYS A 515 -23.70 -1.43 -4.36
C CYS A 515 -22.22 -1.10 -4.46
N VAL A 516 -21.72 -0.99 -5.70
CA VAL A 516 -20.33 -0.67 -5.95
C VAL A 516 -20.08 0.80 -5.63
N PRO A 517 -18.89 1.11 -5.11
CA PRO A 517 -18.70 2.50 -4.73
C PRO A 517 -18.05 3.36 -5.77
N ASN A 518 -18.71 3.52 -6.89
CA ASN A 518 -18.22 4.36 -7.92
C ASN A 518 -19.41 4.81 -8.69
N SER A 519 -19.20 5.78 -9.57
CA SER A 519 -20.20 6.44 -10.41
C SER A 519 -21.04 5.51 -11.31
N LYS A 520 -20.62 4.27 -11.51
CA LYS A 520 -21.38 3.35 -12.30
C LYS A 520 -22.56 2.78 -11.51
N GLU A 521 -22.53 2.89 -10.19
CA GLU A 521 -23.71 2.53 -9.41
C GLU A 521 -24.66 3.73 -9.40
N LYS A 522 -25.89 3.50 -9.88
CA LYS A 522 -26.94 4.51 -10.07
C LYS A 522 -27.21 5.43 -8.89
N TYR A 523 -27.18 4.85 -7.71
CA TYR A 523 -27.42 5.65 -6.55
C TYR A 523 -26.18 6.01 -5.75
N TYR A 524 -25.02 5.98 -6.38
CA TYR A 524 -23.79 6.32 -5.69
C TYR A 524 -23.49 7.84 -5.62
N GLY A 525 -22.92 8.27 -4.48
CA GLY A 525 -22.51 9.63 -4.37
C GLY A 525 -23.61 10.52 -3.95
N TYR A 526 -23.31 11.80 -4.04
CA TYR A 526 -24.22 12.87 -3.65
C TYR A 526 -25.44 12.93 -4.57
N THR A 527 -25.13 12.81 -5.85
CA THR A 527 -26.10 12.82 -6.91
C THR A 527 -26.99 11.58 -6.90
N GLY A 528 -26.38 10.42 -6.71
CA GLY A 528 -27.13 9.19 -6.70
C GLY A 528 -27.99 8.94 -5.50
N ALA A 529 -27.55 9.42 -4.34
CA ALA A 529 -28.33 9.24 -3.10
C ALA A 529 -29.58 10.11 -3.07
N PHE A 530 -29.49 11.27 -3.72
CA PHE A 530 -30.62 12.18 -3.86
C PHE A 530 -31.64 11.62 -4.84
N ARG A 531 -31.08 11.02 -5.91
CA ARG A 531 -31.81 10.34 -6.97
C ARG A 531 -32.62 9.15 -6.45
N CYS A 532 -32.02 8.49 -5.46
CA CYS A 532 -32.61 7.41 -4.74
C CYS A 532 -33.81 7.88 -3.90
N LEU A 533 -33.70 9.09 -3.35
CA LEU A 533 -34.79 9.67 -2.60
C LEU A 533 -35.88 10.23 -3.51
N ALA A 534 -35.42 10.87 -4.59
CA ALA A 534 -36.27 11.49 -5.60
C ALA A 534 -37.13 10.51 -6.38
N GLU A 535 -36.59 9.31 -6.59
CA GLU A 535 -37.30 8.26 -7.25
C GLU A 535 -38.05 7.39 -6.33
N ASP A 536 -38.07 7.80 -5.07
CA ASP A 536 -38.80 7.16 -3.98
C ASP A 536 -38.39 5.72 -3.67
N VAL A 537 -37.12 5.43 -3.87
CA VAL A 537 -36.56 4.12 -3.59
C VAL A 537 -36.25 4.07 -2.09
N GLY A 538 -35.94 5.23 -1.51
CA GLY A 538 -35.66 5.29 -0.09
C GLY A 538 -36.43 6.44 0.54
N ASP A 539 -36.58 6.43 1.85
CA ASP A 539 -37.32 7.47 2.53
C ASP A 539 -36.48 8.66 2.93
N VAL A 540 -35.18 8.46 3.03
CA VAL A 540 -34.32 9.55 3.45
C VAL A 540 -33.00 9.47 2.69
N ALA A 541 -32.44 10.65 2.42
CA ALA A 541 -31.16 10.79 1.76
C ALA A 541 -30.27 11.67 2.65
N PHE A 542 -29.07 11.15 2.91
CA PHE A 542 -28.10 11.83 3.71
C PHE A 542 -27.07 12.37 2.76
N VAL A 543 -27.21 13.63 2.42
CA VAL A 543 -26.32 14.28 1.47
C VAL A 543 -25.95 15.65 2.01
N LYS A 544 -25.47 16.52 1.13
CA LYS A 544 -25.14 17.87 1.53
C LYS A 544 -26.20 18.83 0.98
N ASN A 545 -26.19 20.06 1.47
CA ASN A 545 -27.16 21.08 1.10
C ASN A 545 -27.23 21.39 -0.41
N ASP A 546 -26.05 21.54 -1.00
CA ASP A 546 -25.86 21.90 -2.41
C ASP A 546 -26.48 20.97 -3.41
N THR A 547 -26.59 19.70 -3.04
CA THR A 547 -27.13 18.68 -3.88
C THR A 547 -28.59 18.84 -4.18
N VAL A 548 -29.30 19.29 -3.15
CA VAL A 548 -30.70 19.56 -3.25
C VAL A 548 -31.00 20.74 -4.13
N TRP A 549 -30.15 21.74 -4.01
CA TRP A 549 -30.26 22.93 -4.80
C TRP A 549 -29.88 22.74 -6.23
N GLU A 550 -28.85 21.92 -6.44
CA GLU A 550 -28.33 21.69 -7.77
C GLU A 550 -29.11 20.71 -8.57
N ASN A 551 -30.02 20.00 -7.92
CA ASN A 551 -30.77 19.01 -8.62
C ASN A 551 -32.26 19.26 -8.64
N THR A 552 -32.61 20.49 -8.31
CA THR A 552 -33.99 20.89 -8.33
C THR A 552 -34.04 22.21 -9.07
N ASN A 553 -35.28 22.58 -9.41
CA ASN A 553 -35.65 23.81 -10.08
C ASN A 553 -34.95 24.28 -11.35
N GLY A 554 -34.76 23.33 -12.26
CA GLY A 554 -34.12 23.60 -13.54
C GLY A 554 -32.60 23.70 -13.52
N GLU A 555 -31.98 23.40 -12.37
CA GLU A 555 -30.55 23.45 -12.24
C GLU A 555 -29.90 22.27 -12.91
N SER A 556 -30.48 21.11 -12.66
CA SER A 556 -30.03 19.88 -13.28
C SER A 556 -30.86 19.70 -14.54
N THR A 557 -30.22 19.27 -15.61
CA THR A 557 -30.90 19.06 -16.86
C THR A 557 -31.22 17.61 -17.13
N ALA A 558 -30.80 16.80 -16.17
CA ALA A 558 -30.99 15.36 -16.19
C ALA A 558 -32.45 15.06 -16.03
N ASP A 559 -32.94 14.17 -16.88
CA ASP A 559 -34.33 13.78 -16.97
C ASP A 559 -35.00 13.29 -15.69
N TRP A 560 -34.23 12.71 -14.77
CA TRP A 560 -34.81 12.31 -13.51
C TRP A 560 -34.99 13.49 -12.56
N ALA A 561 -34.10 14.48 -12.69
CA ALA A 561 -34.12 15.64 -11.81
C ALA A 561 -34.67 16.90 -12.45
N LYS A 562 -35.04 16.81 -13.72
CA LYS A 562 -35.53 17.94 -14.51
C LYS A 562 -36.89 18.49 -14.05
N ASN A 563 -37.76 17.60 -13.56
CA ASN A 563 -39.08 17.98 -13.11
C ASN A 563 -39.20 18.05 -11.61
N LEU A 564 -38.14 18.48 -10.94
CA LEU A 564 -38.12 18.53 -9.48
C LEU A 564 -38.31 19.91 -8.90
N ASN A 565 -39.41 20.07 -8.20
CA ASN A 565 -39.69 21.31 -7.52
C ASN A 565 -39.11 21.14 -6.16
N ARG A 566 -38.31 22.12 -5.77
CA ARG A 566 -37.61 22.13 -4.51
C ARG A 566 -38.50 22.28 -3.25
N GLU A 567 -39.78 22.59 -3.47
CA GLU A 567 -40.80 22.69 -2.41
C GLU A 567 -41.48 21.36 -2.12
N ASP A 568 -41.00 20.32 -2.77
CA ASP A 568 -41.51 19.00 -2.54
C ASP A 568 -40.63 18.22 -1.56
N PHE A 569 -39.60 18.91 -1.06
CA PHE A 569 -38.62 18.33 -0.12
C PHE A 569 -38.48 19.15 1.16
N ARG A 570 -38.12 18.44 2.22
CA ARG A 570 -37.89 19.04 3.52
C ARG A 570 -36.57 18.58 4.13
N LEU A 571 -36.20 19.20 5.23
CA LEU A 571 -34.96 18.89 5.91
C LEU A 571 -35.31 18.48 7.27
N LEU A 572 -34.82 17.33 7.64
CA LEU A 572 -35.07 16.83 8.97
C LEU A 572 -34.06 17.51 9.85
N CYS A 573 -34.54 18.05 10.97
CA CYS A 573 -33.66 18.70 11.90
C CYS A 573 -33.47 17.75 13.06
N LEU A 574 -32.40 17.99 13.82
CA LEU A 574 -32.07 17.17 14.98
C LEU A 574 -32.94 17.42 16.21
N ASP A 575 -33.87 18.37 16.12
CA ASP A 575 -34.77 18.70 17.20
C ASP A 575 -36.14 18.10 16.98
N GLY A 576 -36.26 17.25 15.96
CA GLY A 576 -37.52 16.62 15.67
C GLY A 576 -38.43 17.41 14.77
N THR A 577 -37.92 18.48 14.20
CA THR A 577 -38.77 19.23 13.32
C THR A 577 -38.26 19.09 11.90
N ARG A 578 -39.12 19.49 10.97
CA ARG A 578 -38.80 19.46 9.57
C ARG A 578 -38.66 20.89 9.19
N LYS A 579 -37.92 21.15 8.13
CA LYS A 579 -37.73 22.52 7.65
C LYS A 579 -37.62 22.47 6.15
N PRO A 580 -37.79 23.63 5.50
CA PRO A 580 -37.64 23.66 4.05
C PRO A 580 -36.19 23.84 3.79
N VAL A 581 -35.83 23.56 2.54
CA VAL A 581 -34.46 23.58 2.03
C VAL A 581 -33.76 24.93 2.03
N THR A 582 -34.48 25.99 2.34
CA THR A 582 -33.94 27.32 2.43
C THR A 582 -33.30 27.61 3.80
N GLU A 583 -33.59 26.76 4.79
CA GLU A 583 -33.04 26.98 6.12
C GLU A 583 -32.17 25.84 6.56
N ALA A 584 -31.13 25.61 5.78
CA ALA A 584 -30.18 24.56 6.04
C ALA A 584 -29.21 24.94 7.13
N GLN A 585 -29.04 26.25 7.25
CA GLN A 585 -28.19 26.88 8.23
C GLN A 585 -28.71 26.69 9.67
N SER A 586 -30.01 26.53 9.81
CA SER A 586 -30.63 26.28 11.10
C SER A 586 -31.12 24.85 11.26
N CYS A 587 -30.90 24.07 10.21
CA CYS A 587 -31.35 22.69 10.23
C CYS A 587 -30.38 21.74 9.48
N HIS A 588 -29.20 21.49 10.06
CA HIS A 588 -28.27 20.54 9.44
C HIS A 588 -27.72 19.59 10.48
N LEU A 589 -27.05 18.55 10.02
CA LEU A 589 -26.47 17.55 10.92
C LEU A 589 -25.12 17.93 11.47
N ALA A 590 -24.27 18.46 10.60
CA ALA A 590 -22.94 18.87 10.99
C ALA A 590 -22.38 19.64 9.84
N VAL A 591 -21.24 20.25 10.06
CA VAL A 591 -20.58 20.91 8.96
C VAL A 591 -19.42 19.99 8.61
N ALA A 592 -19.24 19.67 7.33
CA ALA A 592 -18.18 18.76 6.97
C ALA A 592 -17.08 19.58 6.39
N PRO A 593 -15.84 19.08 6.45
CA PRO A 593 -14.69 19.77 5.87
C PRO A 593 -14.76 19.43 4.42
N ASN A 594 -14.24 20.30 3.56
CA ASN A 594 -14.26 20.08 2.12
C ASN A 594 -13.36 18.92 1.68
N HIS A 595 -13.68 18.42 0.51
CA HIS A 595 -12.99 17.30 -0.10
C HIS A 595 -11.56 17.75 -0.47
N ALA A 596 -10.56 16.92 -0.22
CA ALA A 596 -9.21 17.39 -0.50
C ALA A 596 -8.38 16.38 -1.23
N VAL A 597 -7.30 16.89 -1.81
CA VAL A 597 -6.40 16.05 -2.54
C VAL A 597 -5.38 15.48 -1.57
N VAL A 598 -5.25 14.17 -1.54
CA VAL A 598 -4.25 13.59 -0.67
C VAL A 598 -3.12 13.07 -1.51
N SER A 599 -1.99 12.81 -0.88
CA SER A 599 -0.81 12.31 -1.57
C SER A 599 0.14 11.78 -0.53
N ARG A 600 1.26 11.24 -1.00
CA ARG A 600 2.30 10.77 -0.12
C ARG A 600 3.16 11.98 0.16
N SER A 601 3.79 12.00 1.35
CA SER A 601 4.64 13.08 1.90
C SER A 601 5.73 13.60 0.99
N ASP A 602 6.35 12.70 0.24
CA ASP A 602 7.40 13.06 -0.67
C ASP A 602 6.90 13.46 -2.04
N ARG A 603 5.62 13.26 -2.31
CA ARG A 603 5.09 13.63 -3.60
C ARG A 603 4.30 14.91 -3.58
N ALA A 604 3.82 15.23 -2.38
CA ALA A 604 2.95 16.35 -2.02
C ALA A 604 3.27 17.69 -2.62
N ALA A 605 4.53 18.08 -2.56
CA ALA A 605 4.98 19.36 -3.09
C ALA A 605 4.95 19.44 -4.61
N HIS A 606 5.28 18.31 -5.23
CA HIS A 606 5.30 18.19 -6.66
C HIS A 606 3.95 18.19 -7.23
N VAL A 607 3.12 17.43 -6.54
CA VAL A 607 1.72 17.31 -6.87
C VAL A 607 0.98 18.63 -6.76
N LYS A 608 1.33 19.37 -5.70
CA LYS A 608 0.78 20.68 -5.46
C LYS A 608 1.08 21.68 -6.56
N GLN A 609 2.37 21.74 -6.91
CA GLN A 609 2.92 22.63 -7.95
C GLN A 609 2.30 22.41 -9.31
N VAL A 610 2.18 21.13 -9.60
CA VAL A 610 1.61 20.65 -10.82
C VAL A 610 0.13 20.93 -10.95
N LEU A 611 -0.58 20.75 -9.82
CA LEU A 611 -2.01 20.99 -9.75
C LEU A 611 -2.40 22.42 -9.86
N LEU A 612 -1.50 23.30 -9.43
CA LEU A 612 -1.68 24.71 -9.54
C LEU A 612 -1.55 25.17 -10.97
N HIS A 613 -0.58 24.55 -11.66
CA HIS A 613 -0.31 24.76 -13.06
C HIS A 613 -1.47 24.29 -13.95
N GLN A 614 -2.03 23.14 -13.58
CA GLN A 614 -3.14 22.52 -14.30
C GLN A 614 -4.44 23.27 -14.16
N GLN A 615 -4.61 23.85 -12.98
CA GLN A 615 -5.79 24.63 -12.60
C GLN A 615 -5.93 25.94 -13.38
N ALA A 616 -4.78 26.50 -13.74
CA ALA A 616 -4.73 27.72 -14.51
C ALA A 616 -5.10 27.52 -15.95
N LEU A 617 -4.82 26.31 -16.44
CA LEU A 617 -5.14 25.97 -17.80
C LEU A 617 -6.55 25.47 -17.97
N PHE A 618 -6.96 24.62 -17.04
CA PHE A 618 -8.23 23.98 -17.17
C PHE A 618 -9.28 24.22 -16.11
N GLY A 619 -9.05 25.16 -15.19
CA GLY A 619 -10.03 25.41 -14.14
C GLY A 619 -11.16 26.35 -14.51
N LYS A 620 -11.82 26.93 -13.49
CA LYS A 620 -12.98 27.85 -13.66
C LYS A 620 -12.68 29.10 -14.48
N ASN A 621 -11.47 29.61 -14.32
CA ASN A 621 -11.05 30.71 -15.15
C ASN A 621 -9.78 30.21 -15.80
N GLY A 622 -9.90 28.98 -16.31
CA GLY A 622 -8.81 28.31 -16.98
C GLY A 622 -8.71 28.87 -18.36
N LYS A 623 -7.50 28.85 -18.93
CA LYS A 623 -7.27 29.35 -20.27
C LYS A 623 -7.88 28.45 -21.35
N ASN A 624 -7.80 27.15 -21.10
CA ASN A 624 -8.35 26.14 -22.01
C ASN A 624 -9.81 25.75 -21.66
N CYS A 625 -10.35 26.37 -20.63
CA CYS A 625 -11.73 26.15 -20.28
C CYS A 625 -12.42 27.50 -20.63
N PRO A 626 -13.56 27.45 -21.31
CA PRO A 626 -14.19 26.17 -21.63
C PRO A 626 -14.10 25.61 -23.02
N ASP A 627 -13.22 26.14 -23.85
CA ASP A 627 -13.10 25.65 -25.23
C ASP A 627 -12.33 24.34 -25.40
N LYS A 628 -11.28 24.13 -24.61
CA LYS A 628 -10.51 22.89 -24.70
C LYS A 628 -10.91 21.87 -23.65
N PHE A 629 -10.70 22.19 -22.36
CA PHE A 629 -11.03 21.26 -21.28
C PHE A 629 -11.27 21.99 -19.94
N CYS A 630 -12.30 21.54 -19.26
CA CYS A 630 -12.63 22.09 -17.97
C CYS A 630 -12.55 20.97 -16.96
N LEU A 631 -11.63 21.14 -16.02
CA LEU A 631 -11.38 20.19 -14.96
C LEU A 631 -12.52 20.04 -13.94
N PHE A 632 -13.28 21.08 -13.70
CA PHE A 632 -14.34 20.92 -12.73
C PHE A 632 -15.69 20.68 -13.30
N LYS A 633 -15.79 20.36 -14.57
CA LYS A 633 -17.12 20.10 -15.14
C LYS A 633 -17.23 18.64 -15.51
N SER A 634 -18.32 17.99 -15.09
CA SER A 634 -18.50 16.59 -15.38
C SER A 634 -19.92 16.20 -15.77
N GLU A 635 -20.77 17.19 -16.07
CA GLU A 635 -22.20 17.02 -16.45
C GLU A 635 -22.98 16.53 -15.20
N THR A 636 -22.80 17.27 -14.10
CA THR A 636 -23.38 17.04 -12.74
C THR A 636 -23.06 15.66 -12.17
N LYS A 637 -21.87 15.16 -12.47
CA LYS A 637 -21.51 13.86 -12.02
C LYS A 637 -20.54 13.85 -10.86
N ASN A 638 -19.77 14.94 -10.72
CA ASN A 638 -18.74 15.14 -9.69
C ASN A 638 -17.64 14.11 -9.87
N LEU A 639 -17.14 14.02 -11.08
CA LEU A 639 -16.09 13.09 -11.41
C LEU A 639 -14.77 13.80 -11.17
N LEU A 640 -13.89 13.16 -10.41
CA LEU A 640 -12.57 13.68 -10.00
C LEU A 640 -12.63 14.78 -8.91
N PHE A 641 -13.48 15.78 -9.12
CA PHE A 641 -13.72 16.90 -8.22
C PHE A 641 -15.20 17.16 -8.32
N ASN A 642 -15.76 17.88 -7.33
CA ASN A 642 -17.16 18.26 -7.33
C ASN A 642 -17.31 19.31 -8.38
N ASP A 643 -18.44 19.27 -9.08
CA ASP A 643 -18.75 20.21 -10.14
C ASP A 643 -18.90 21.67 -9.70
N ASN A 644 -19.17 21.87 -8.41
CA ASN A 644 -19.30 23.19 -7.82
C ASN A 644 -17.98 23.88 -7.43
N THR A 645 -16.88 23.13 -7.51
CA THR A 645 -15.55 23.58 -7.11
C THR A 645 -15.09 24.76 -7.91
N GLU A 646 -14.82 25.85 -7.21
CA GLU A 646 -14.33 27.05 -7.86
C GLU A 646 -12.86 26.93 -8.16
N CYS A 647 -12.15 26.33 -7.23
CA CYS A 647 -10.72 26.07 -7.38
C CYS A 647 -10.26 25.17 -6.25
N LEU A 648 -9.01 24.78 -6.36
CA LEU A 648 -8.32 24.00 -5.37
C LEU A 648 -7.51 25.01 -4.57
N ALA A 649 -7.81 25.10 -3.29
CA ALA A 649 -7.15 26.06 -2.42
C ALA A 649 -5.96 25.43 -1.68
N LYS A 650 -4.98 26.30 -1.38
CA LYS A 650 -3.75 25.97 -0.65
C LYS A 650 -4.14 25.81 0.79
N LEU A 651 -3.45 24.90 1.47
CA LEU A 651 -3.74 24.73 2.88
C LEU A 651 -2.63 25.45 3.62
N GLY A 652 -2.67 25.38 4.94
CA GLY A 652 -1.64 26.01 5.73
C GLY A 652 -0.35 25.19 5.86
N GLY A 653 0.49 25.61 6.77
CA GLY A 653 1.76 24.94 7.00
C GLY A 653 1.61 23.67 7.82
N ARG A 654 2.07 22.56 7.22
CA ARG A 654 2.05 21.21 7.80
C ARG A 654 0.67 20.71 8.17
N PRO A 655 -0.11 20.27 7.17
CA PRO A 655 -1.21 19.90 8.04
C PRO A 655 -1.34 18.40 7.87
N THR A 656 -1.72 17.74 8.97
CA THR A 656 -1.89 16.31 8.95
C THR A 656 -3.35 16.09 8.64
N TYR A 657 -3.73 14.82 8.61
CA TYR A 657 -5.11 14.47 8.39
C TYR A 657 -5.99 14.94 9.54
N GLU A 658 -5.47 14.85 10.77
CA GLU A 658 -6.12 15.28 12.00
C GLU A 658 -6.28 16.77 12.09
N GLU A 659 -5.35 17.50 11.51
CA GLU A 659 -5.43 18.94 11.53
C GLU A 659 -6.44 19.49 10.55
N TYR A 660 -6.51 18.84 9.39
CA TYR A 660 -7.46 19.24 8.35
C TYR A 660 -8.90 18.89 8.69
N LEU A 661 -9.11 17.66 9.12
CA LEU A 661 -10.43 17.16 9.49
C LEU A 661 -10.89 17.77 10.78
N GLY A 662 -10.03 17.81 11.78
CA GLY A 662 -10.41 18.40 13.06
C GLY A 662 -10.71 17.33 14.08
N THR A 663 -10.18 17.54 15.28
CA THR A 663 -10.22 16.70 16.49
C THR A 663 -11.57 16.05 16.80
N GLU A 664 -12.61 16.87 16.77
CA GLU A 664 -13.99 16.52 17.02
C GLU A 664 -14.55 15.51 16.02
N TYR A 665 -14.32 15.78 14.74
CA TYR A 665 -14.73 14.88 13.66
C TYR A 665 -13.92 13.58 13.64
N VAL A 666 -12.62 13.71 13.94
CA VAL A 666 -11.69 12.59 14.04
C VAL A 666 -12.07 11.63 15.15
N THR A 667 -12.46 12.20 16.28
CA THR A 667 -12.93 11.44 17.43
C THR A 667 -14.29 10.85 17.19
N ALA A 668 -15.07 11.56 16.38
CA ALA A 668 -16.39 11.11 15.98
C ALA A 668 -16.33 9.91 15.06
N ILE A 669 -15.35 9.98 14.17
CA ILE A 669 -15.08 8.89 13.25
C ILE A 669 -14.58 7.67 13.99
N ALA A 670 -13.66 7.96 14.92
CA ALA A 670 -13.00 7.02 15.83
C ALA A 670 -13.94 6.11 16.62
N ASN A 671 -14.93 6.73 17.27
CA ASN A 671 -15.93 6.02 18.05
C ASN A 671 -16.86 5.17 17.21
N LEU A 672 -17.14 5.64 15.98
CA LEU A 672 -17.99 4.91 15.04
C LEU A 672 -17.30 3.69 14.47
N LYS A 673 -15.99 3.86 14.31
CA LYS A 673 -15.07 2.84 13.81
C LYS A 673 -14.86 1.67 14.76
N LYS A 674 -15.31 1.81 16.00
CA LYS A 674 -15.19 0.73 16.96
C LYS A 674 -16.28 -0.32 16.81
N CYS A 675 -17.30 0.02 16.04
CA CYS A 675 -18.38 -0.87 15.78
C CYS A 675 -18.07 -1.91 14.74
N SER A 676 -17.14 -1.58 13.84
CA SER A 676 -16.75 -2.49 12.79
C SER A 676 -15.26 -2.32 12.42
N THR A 677 -14.61 -3.42 12.03
CA THR A 677 -13.19 -3.39 11.66
C THR A 677 -12.96 -3.38 10.13
N SER A 678 -12.00 -2.58 9.68
CA SER A 678 -11.66 -2.52 8.27
C SER A 678 -10.31 -3.15 8.18
N PRO A 679 -10.15 -4.05 7.22
CA PRO A 679 -8.98 -4.85 6.85
C PRO A 679 -7.89 -3.95 6.36
N LEU A 680 -8.29 -2.88 5.68
CA LEU A 680 -7.38 -1.86 5.18
C LEU A 680 -6.82 -1.02 6.31
N LEU A 681 -7.67 -0.82 7.31
CA LEU A 681 -7.29 -0.12 8.51
C LEU A 681 -6.36 -0.95 9.38
N GLU A 682 -6.57 -2.27 9.33
CA GLU A 682 -5.72 -3.23 10.02
C GLU A 682 -4.38 -3.36 9.36
N ALA A 683 -4.41 -3.26 8.04
CA ALA A 683 -3.23 -3.35 7.21
C ALA A 683 -2.36 -2.12 7.32
N CYS A 684 -2.96 -0.95 7.48
CA CYS A 684 -2.20 0.30 7.61
C CYS A 684 -1.60 0.49 8.96
N ALA A 685 -2.21 -0.23 9.90
CA ALA A 685 -1.77 -0.31 11.26
C ALA A 685 -0.42 -0.98 11.36
N PHE A 686 -0.34 -2.09 10.64
CA PHE A 686 0.82 -2.93 10.50
C PHE A 686 1.92 -2.26 9.69
N LEU A 687 1.55 -1.38 8.77
CA LEU A 687 2.53 -0.68 7.96
C LEU A 687 3.14 0.51 8.67
N THR A 688 2.45 0.99 9.71
CA THR A 688 2.90 2.09 10.54
C THR A 688 3.20 1.41 11.89
N ARG A 689 4.09 0.41 11.79
CA ARG A 689 4.58 -0.50 12.85
C ARG A 689 5.23 0.23 14.03
C1 NAG B . -20.87 9.87 19.96
C2 NAG B . -20.38 11.19 19.37
C3 NAG B . -18.89 11.40 19.69
C4 NAG B . -18.66 11.23 21.21
C5 NAG B . -19.12 9.83 21.61
C6 NAG B . -18.89 9.51 23.07
C7 NAG B . -21.00 12.18 17.22
C8 NAG B . -21.18 11.94 15.75
N2 NAG B . -20.53 11.15 17.93
O3 NAG B . -18.47 12.70 19.28
O4 NAG B . -17.27 11.37 21.52
O5 NAG B . -20.51 9.74 21.33
O6 NAG B . -19.56 10.46 23.90
O7 NAG B . -21.31 13.24 17.72
C1 NAG B . -17.00 12.36 22.46
C2 NAG B . -15.75 11.97 23.23
C3 NAG B . -15.35 13.08 24.19
C4 NAG B . -15.21 14.44 23.44
C5 NAG B . -16.48 14.69 22.59
C6 NAG B . -16.35 15.93 21.73
C7 NAG B . -15.24 9.66 23.81
C8 NAG B . -15.64 8.47 24.62
N2 NAG B . -15.95 10.76 24.02
O3 NAG B . -14.11 12.74 24.77
O4 NAG B . -15.15 15.46 24.43
O5 NAG B . -16.76 13.57 21.74
O6 NAG B . -16.04 15.57 20.38
O7 NAG B . -14.34 9.60 23.01
C1 BMA B . -14.06 16.33 24.33
C2 BMA B . -14.52 17.73 24.74
C3 BMA B . -13.33 18.69 24.76
C4 BMA B . -12.26 18.14 25.70
C5 BMA B . -11.89 16.71 25.27
C6 BMA B . -10.83 16.09 26.16
O2 BMA B . -15.16 17.76 26.02
O3 BMA B . -13.73 19.98 25.20
O4 BMA B . -11.13 18.98 25.64
O5 BMA B . -13.07 15.87 25.24
O6 BMA B . -11.43 15.55 27.33
C1 NAG C . -26.94 25.55 -0.19
C2 NAG C . -26.40 26.88 0.30
C3 NAG C . -26.72 27.98 -0.72
C4 NAG C . -26.27 27.57 -2.13
C5 NAG C . -26.79 26.18 -2.48
C6 NAG C . -26.21 25.65 -3.78
C7 NAG C . -26.26 27.36 2.66
C8 NAG C . -27.03 27.62 3.94
N2 NAG C . -26.99 27.24 1.56
O3 NAG C . -26.04 29.16 -0.34
O4 NAG C . -26.80 28.49 -3.07
O5 NAG C . -26.43 25.27 -1.48
O6 NAG C . -24.83 25.37 -3.61
O7 NAG C . -25.06 27.24 2.66
C1 NAG C . -25.83 29.04 -3.88
C2 NAG C . -26.45 29.47 -5.21
C3 NAG C . -25.42 30.23 -6.04
C4 NAG C . -24.83 31.37 -5.21
C5 NAG C . -24.26 30.79 -3.92
C6 NAG C . -23.53 31.83 -3.07
C7 NAG C . -28.10 27.93 -6.14
C8 NAG C . -28.34 26.72 -7.02
N2 NAG C . -26.83 28.31 -6.00
O3 NAG C . -26.04 30.73 -7.23
O4 NAG C . -23.77 31.98 -5.92
O5 NAG C . -25.30 30.15 -3.18
O6 NAG C . -23.88 31.66 -1.70
O7 NAG C . -29.01 28.51 -5.62
C1 BMA C . -24.12 33.21 -6.44
C2 BMA C . -22.93 34.15 -6.31
C3 BMA C . -23.18 35.43 -7.11
C4 BMA C . -23.51 35.06 -8.54
C5 BMA C . -24.72 34.14 -8.52
C6 BMA C . -25.21 33.76 -9.89
O2 BMA C . -21.70 33.56 -6.73
O3 BMA C . -22.03 36.28 -7.07
O4 BMA C . -23.78 36.21 -9.34
O5 BMA C . -24.42 32.96 -7.80
O6 BMA C . -26.22 32.79 -9.72
C1 MAN C . -27.02 32.68 -10.85
C2 MAN C . -28.39 32.13 -10.45
C3 MAN C . -28.24 30.75 -9.81
C4 MAN C . -27.43 29.83 -10.73
C5 MAN C . -26.13 30.50 -11.24
C6 MAN C . -25.51 29.68 -12.34
O2 MAN C . -29.31 32.07 -11.54
O3 MAN C . -29.54 30.19 -9.67
O4 MAN C . -27.07 28.65 -10.00
O5 MAN C . -26.43 31.80 -11.78
O6 MAN C . -26.41 29.65 -13.45
C1 MAN C . -30.00 30.15 -8.34
C2 MAN C . -31.00 29.00 -8.21
C3 MAN C . -32.22 29.28 -9.09
C4 MAN C . -32.83 30.60 -8.64
C5 MAN C . -31.77 31.71 -8.75
C6 MAN C . -32.30 33.08 -8.34
O2 MAN C . -31.44 28.81 -6.87
O3 MAN C . -33.16 28.23 -8.95
O4 MAN C . -33.95 30.92 -9.46
O5 MAN C . -30.62 31.37 -7.96
O6 MAN C . -31.22 33.99 -8.24
C1 MAN C . -25.94 28.94 -14.55
C2 MAN C . -27.01 28.93 -15.66
C3 MAN C . -28.20 28.06 -15.25
C4 MAN C . -27.69 26.65 -14.92
C5 MAN C . -26.67 26.76 -13.80
C6 MAN C . -26.15 25.41 -13.32
O2 MAN C . -26.49 28.51 -16.92
O3 MAN C . -29.13 27.99 -16.32
O4 MAN C . -28.78 25.82 -14.52
O5 MAN C . -25.57 27.59 -14.21
O6 MAN C . -24.84 25.19 -13.84
C1 NAG D . 3.34 20.46 -18.67
C2 NAG D . 2.61 21.65 -19.30
C3 NAG D . 3.62 22.52 -20.05
C4 NAG D . 4.68 23.00 -19.03
C5 NAG D . 5.33 21.79 -18.36
C6 NAG D . 6.35 22.20 -17.32
C7 NAG D . 0.26 21.22 -19.78
C8 NAG D . -0.79 21.16 -20.86
N2 NAG D . 1.53 21.29 -20.19
O3 NAG D . 2.97 23.64 -20.64
O4 NAG D . 5.66 23.80 -19.69
O5 NAG D . 4.32 20.95 -17.75
O6 NAG D . 5.68 22.88 -16.26
O7 NAG D . -0.05 21.27 -18.61
FE FE E . 17.60 -10.95 2.80
FE FE F . -18.46 14.77 1.24
C CO3 G . 19.37 -10.80 1.27
O1 CO3 G . 18.81 -9.82 1.92
O2 CO3 G . 18.99 -12.02 1.45
O3 CO3 G . 20.32 -10.53 0.42
C CO3 H . -19.91 12.96 1.40
O1 CO3 H . -19.72 13.88 2.32
O2 CO3 H . -19.29 13.06 0.26
O3 CO3 H . -20.71 11.96 1.61
#